data_2CXR
#
_entry.id   2CXR
#
_cell.length_a   69.720
_cell.length_b   115.570
_cell.length_c   73.263
_cell.angle_alpha   90.00
_cell.angle_beta   101.61
_cell.angle_gamma   90.00
#
_symmetry.space_group_name_H-M   'P 1 21 1'
#
loop_
_entity.id
_entity.type
_entity.pdbx_description
1 polymer 'Glucose-6-phosphate isomerase'
2 non-polymer '6-PHOSPHOGLUCONIC ACID'
3 non-polymer GLYCEROL
4 water water
#
_entity_poly.entity_id   1
_entity_poly.type   'polypeptide(L)'
_entity_poly.pdbx_seq_one_letter_code
;MAALTRNPQFQKLLEWHRANSANLKLRELFEADPERFNNFSLNLNTNHGHILVDYSKNLVSKEVMQMLVELAKSRGVEAA
RDNMFSGSKINYTEDRAVLHVALRNRSNTPIKVDGKDVMPEVNRVLDKMKSFCQRVRSGDWKGYTGKSITDIINIGIGGS
DLGPLMVTEALKPYSKGGPRVWFVSNIDGTHIAKTLASLSPETSLFIIASKTFTTQETITNAETAKEWFLEAAKDPSAVA
KHFVALSTNTAKVKEFGIDPQNMFEFWDWVGGRYSLWSAIGLSIALHVGFDHFEQLLSGAHWMDQHFLKTPLEKNAPVLL
ALLGIWYINCYGCETHALLPYDQYMHRFAAYFQQGDMESNGKYITKSGARVDHQTGPIVWGEPGTNGQHAFYQLIHQGTK
MIPCDFLIPVQTQHPIRKGLHHKILLANFLAQTEALMKGKLPEEARKELQAAGKSPEDLEKLLPHKVFEGNRPTNSIVFT
KLTPFILGALIAMYEHKIFVQGIMWDINSFDQWGVELGKQLAKKIEPELEGSSAVTSHDSSTNGLISFIKQQRDTKL
;
_entity_poly.pdbx_strand_id   A,B
#
loop_
_chem_comp.id
_chem_comp.type
_chem_comp.name
_chem_comp.formula
6PG D-saccharide '6-PHOSPHOGLUCONIC ACID' 'C6 H13 O10 P'
GOL non-polymer GLYCEROL 'C3 H8 O3'
#
# COMPACT_ATOMS: atom_id res chain seq x y z
N MET A 1 -27.76 0.60 -22.09
CA MET A 1 -26.61 -0.21 -21.59
C MET A 1 -25.29 0.17 -22.29
N ALA A 2 -24.25 -0.63 -22.07
CA ALA A 2 -22.90 -0.28 -22.50
C ALA A 2 -22.34 -1.31 -23.49
N ALA A 3 -21.27 -0.96 -24.17
CA ALA A 3 -20.69 -1.82 -25.21
C ALA A 3 -20.38 -3.25 -24.73
N LEU A 4 -19.78 -3.38 -23.55
CA LEU A 4 -19.41 -4.69 -23.05
C LEU A 4 -20.62 -5.58 -22.80
N THR A 5 -21.61 -5.06 -22.08
CA THR A 5 -22.79 -5.83 -21.71
C THR A 5 -23.71 -6.12 -22.89
N ARG A 6 -23.66 -5.28 -23.91
CA ARG A 6 -24.45 -5.48 -25.13
C ARG A 6 -23.79 -6.50 -26.05
N ASN A 7 -22.51 -6.78 -25.80
CA ASN A 7 -21.72 -7.67 -26.65
C ASN A 7 -22.11 -9.14 -26.43
N PRO A 8 -22.50 -9.83 -27.51
CA PRO A 8 -22.98 -11.22 -27.39
C PRO A 8 -21.91 -12.21 -26.91
N GLN A 9 -20.65 -11.96 -27.27
CA GLN A 9 -19.54 -12.79 -26.81
C GLN A 9 -19.36 -12.65 -25.30
N PHE A 10 -19.60 -11.45 -24.77
CA PHE A 10 -19.57 -11.26 -23.32
C PHE A 10 -20.73 -11.99 -22.63
N GLN A 11 -21.93 -11.87 -23.18
CA GLN A 11 -23.07 -12.55 -22.57
C GLN A 11 -22.88 -14.07 -22.58
N LYS A 12 -22.25 -14.60 -23.63
CA LYS A 12 -21.93 -16.04 -23.70
C LYS A 12 -20.96 -16.42 -22.58
N LEU A 13 -19.90 -15.64 -22.44
CA LEU A 13 -18.90 -15.80 -21.36
C LEU A 13 -19.56 -15.81 -19.98
N LEU A 14 -20.40 -14.80 -19.72
CA LEU A 14 -21.10 -14.69 -18.45
C LEU A 14 -22.06 -15.86 -18.20
N GLU A 15 -22.80 -16.26 -19.23
CA GLU A 15 -23.72 -17.38 -19.11
C GLU A 15 -22.96 -18.68 -18.79
N TRP A 16 -21.84 -18.89 -19.48
CA TRP A 16 -20.97 -20.03 -19.22
C TRP A 16 -20.47 -20.00 -17.78
N HIS A 17 -20.07 -18.83 -17.30
CA HIS A 17 -19.64 -18.66 -15.91
C HIS A 17 -20.74 -19.08 -14.93
N ARG A 18 -21.96 -18.59 -15.15
CA ARG A 18 -23.09 -18.94 -14.27
C ARG A 18 -23.31 -20.46 -14.21
N ALA A 19 -23.25 -21.11 -15.37
CA ALA A 19 -23.57 -22.53 -15.49
C ALA A 19 -22.42 -23.46 -15.06
N ASN A 20 -21.19 -23.01 -15.23
CA ASN A 20 -20.03 -23.91 -15.17
C ASN A 20 -18.93 -23.57 -14.16
N SER A 21 -18.82 -22.30 -13.76
CA SER A 21 -17.67 -21.87 -12.93
C SER A 21 -17.53 -22.59 -11.58
N ALA A 22 -18.65 -22.95 -10.96
CA ALA A 22 -18.62 -23.69 -9.70
C ALA A 22 -17.93 -25.07 -9.83
N ASN A 23 -17.82 -25.57 -11.06
CA ASN A 23 -17.19 -26.87 -11.31
C ASN A 23 -15.69 -26.80 -11.54
N LEU A 24 -15.16 -25.58 -11.66
CA LEU A 24 -13.73 -25.38 -11.84
C LEU A 24 -13.01 -25.49 -10.50
N LYS A 25 -12.16 -26.50 -10.38
CA LYS A 25 -11.42 -26.78 -9.15
C LYS A 25 -9.95 -27.01 -9.50
N LEU A 26 -9.10 -26.09 -9.04
CA LEU A 26 -7.71 -26.03 -9.47
C LEU A 26 -6.93 -27.32 -9.22
N ARG A 27 -7.06 -27.87 -8.02
CA ARG A 27 -6.37 -29.10 -7.66
C ARG A 27 -6.68 -30.19 -8.69
N GLU A 28 -7.95 -30.31 -9.01
CA GLU A 28 -8.45 -31.35 -9.91
C GLU A 28 -8.08 -31.07 -11.37
N LEU A 29 -8.06 -29.79 -11.76
CA LEU A 29 -7.61 -29.41 -13.10
C LEU A 29 -6.16 -29.85 -13.34
N PHE A 30 -5.30 -29.66 -12.35
CA PHE A 30 -3.90 -30.05 -12.47
C PHE A 30 -3.71 -31.56 -12.45
N GLU A 31 -4.47 -32.26 -11.62
CA GLU A 31 -4.38 -33.72 -11.56
C GLU A 31 -4.83 -34.36 -12.88
N ALA A 32 -5.88 -33.82 -13.47
CA ALA A 32 -6.48 -34.38 -14.69
C ALA A 32 -5.60 -34.19 -15.93
N ASP A 33 -4.73 -33.18 -15.91
CA ASP A 33 -3.99 -32.82 -17.10
C ASP A 33 -2.55 -32.37 -16.79
N PRO A 34 -1.60 -33.29 -16.98
CA PRO A 34 -0.17 -33.01 -16.75
C PRO A 34 0.42 -31.94 -17.65
N GLU A 35 -0.30 -31.58 -18.71
CA GLU A 35 0.16 -30.55 -19.65
C GLU A 35 -0.35 -29.15 -19.28
N ARG A 36 -0.97 -29.02 -18.11
CA ARG A 36 -1.63 -27.75 -17.76
C ARG A 36 -0.67 -26.56 -17.75
N PHE A 37 0.45 -26.68 -17.05
CA PHE A 37 1.47 -25.64 -17.08
C PHE A 37 1.89 -25.26 -18.51
N ASN A 38 2.17 -26.28 -19.33
CA ASN A 38 2.60 -26.06 -20.71
C ASN A 38 1.58 -25.29 -21.56
N ASN A 39 0.30 -25.55 -21.34
CA ASN A 39 -0.75 -24.98 -22.16
C ASN A 39 -1.26 -23.63 -21.67
N PHE A 40 -0.90 -23.27 -20.44
CA PHE A 40 -1.38 -22.05 -19.81
C PHE A 40 -0.22 -21.20 -19.26
N SER A 41 0.86 -21.10 -20.06
CA SER A 41 2.00 -20.26 -19.70
C SER A 41 2.71 -19.76 -20.94
N LEU A 42 3.37 -18.61 -20.81
CA LEU A 42 4.17 -18.04 -21.89
C LEU A 42 5.60 -17.83 -21.40
N ASN A 43 6.54 -18.50 -22.05
CA ASN A 43 7.96 -18.29 -21.78
C ASN A 43 8.56 -17.36 -22.82
N LEU A 44 8.64 -16.07 -22.48
CA LEU A 44 9.09 -15.06 -23.43
C LEU A 44 10.58 -14.87 -23.41
N ASN A 45 11.21 -15.04 -24.57
CA ASN A 45 12.64 -14.80 -24.70
C ASN A 45 12.87 -13.44 -25.34
N THR A 46 13.37 -12.50 -24.54
CA THR A 46 13.58 -11.14 -25.01
C THR A 46 14.96 -10.95 -25.63
N ASN A 47 15.78 -12.01 -25.57
CA ASN A 47 17.22 -11.97 -25.92
C ASN A 47 18.09 -11.25 -24.88
N HIS A 48 17.44 -10.73 -23.84
CA HIS A 48 18.12 -10.09 -22.71
C HIS A 48 17.51 -10.60 -21.41
N GLY A 49 17.15 -11.88 -21.41
CA GLY A 49 16.50 -12.51 -20.28
C GLY A 49 15.14 -13.02 -20.67
N HIS A 50 14.63 -13.96 -19.89
CA HIS A 50 13.32 -14.53 -20.15
C HIS A 50 12.31 -13.99 -19.14
N ILE A 51 11.07 -13.84 -19.60
CA ILE A 51 9.95 -13.56 -18.71
C ILE A 51 8.93 -14.69 -18.87
N LEU A 52 8.75 -15.44 -17.80
CA LEU A 52 7.75 -16.50 -17.77
C LEU A 52 6.48 -15.97 -17.14
N VAL A 53 5.41 -15.90 -17.94
CA VAL A 53 4.10 -15.54 -17.45
C VAL A 53 3.28 -16.83 -17.32
N ASP A 54 3.23 -17.34 -16.11
CA ASP A 54 2.56 -18.60 -15.81
C ASP A 54 1.16 -18.28 -15.29
N TYR A 55 0.15 -18.51 -16.13
CA TYR A 55 -1.23 -18.23 -15.74
C TYR A 55 -2.03 -19.51 -15.51
N SER A 56 -1.32 -20.61 -15.26
CA SER A 56 -1.95 -21.92 -15.14
C SER A 56 -2.74 -22.12 -13.85
N LYS A 57 -2.39 -21.39 -12.79
CA LYS A 57 -3.12 -21.50 -11.53
C LYS A 57 -4.35 -20.58 -11.51
N ASN A 58 -4.94 -20.37 -12.68
CA ASN A 58 -6.17 -19.59 -12.81
C ASN A 58 -7.38 -20.47 -13.01
N LEU A 59 -8.56 -19.93 -12.69
CA LEU A 59 -9.80 -20.69 -12.78
C LEU A 59 -10.32 -20.63 -14.22
N VAL A 60 -9.56 -21.27 -15.12
CA VAL A 60 -9.84 -21.24 -16.55
C VAL A 60 -9.59 -22.60 -17.17
N SER A 61 -10.27 -22.86 -18.27
CA SER A 61 -10.01 -24.00 -19.13
C SER A 61 -9.69 -23.46 -20.53
N LYS A 62 -9.34 -24.35 -21.45
CA LYS A 62 -9.16 -23.99 -22.84
C LYS A 62 -10.36 -23.21 -23.38
N GLU A 63 -11.56 -23.69 -23.04
CA GLU A 63 -12.80 -23.08 -23.49
C GLU A 63 -12.98 -21.65 -22.97
N VAL A 64 -12.67 -21.44 -21.69
CA VAL A 64 -12.76 -20.09 -21.11
C VAL A 64 -11.80 -19.14 -21.83
N MET A 65 -10.57 -19.58 -22.04
CA MET A 65 -9.57 -18.77 -22.73
C MET A 65 -9.98 -18.46 -24.17
N GLN A 66 -10.56 -19.45 -24.84
CA GLN A 66 -11.08 -19.26 -26.20
C GLN A 66 -12.16 -18.18 -26.22
N MET A 67 -13.10 -18.26 -25.29
CA MET A 67 -14.18 -17.27 -25.19
C MET A 67 -13.65 -15.87 -24.90
N LEU A 68 -12.63 -15.79 -24.05
CA LEU A 68 -12.02 -14.50 -23.69
C LEU A 68 -11.31 -13.87 -24.89
N VAL A 69 -10.53 -14.67 -25.60
CA VAL A 69 -9.86 -14.18 -26.82
C VAL A 69 -10.88 -13.71 -27.87
N GLU A 70 -11.96 -14.49 -28.05
CA GLU A 70 -13.02 -14.12 -28.99
C GLU A 70 -13.67 -12.80 -28.59
N LEU A 71 -13.84 -12.59 -27.28
CA LEU A 71 -14.40 -11.35 -26.77
C LEU A 71 -13.47 -10.17 -27.05
N ALA A 72 -12.18 -10.36 -26.85
CA ALA A 72 -11.18 -9.34 -27.16
C ALA A 72 -11.24 -8.92 -28.63
N LYS A 73 -11.37 -9.90 -29.52
CA LYS A 73 -11.50 -9.65 -30.96
C LYS A 73 -12.80 -8.89 -31.26
N SER A 74 -13.89 -9.36 -30.66
CA SER A 74 -15.20 -8.73 -30.78
C SER A 74 -15.21 -7.29 -30.29
N ARG A 75 -14.37 -6.99 -29.29
CA ARG A 75 -14.27 -5.63 -28.75
C ARG A 75 -13.26 -4.74 -29.49
N GLY A 76 -12.66 -5.27 -30.54
CA GLY A 76 -11.78 -4.52 -31.41
C GLY A 76 -10.47 -4.08 -30.78
N VAL A 77 -9.91 -4.94 -29.93
CA VAL A 77 -8.63 -4.65 -29.27
C VAL A 77 -7.49 -4.38 -30.26
N GLU A 78 -7.35 -5.23 -31.27
CA GLU A 78 -6.22 -5.09 -32.21
C GLU A 78 -6.26 -3.76 -32.96
N ALA A 79 -7.43 -3.38 -33.47
CA ALA A 79 -7.59 -2.10 -34.17
C ALA A 79 -7.30 -0.91 -33.24
N ALA A 80 -7.76 -1.00 -32.00
CA ALA A 80 -7.55 0.07 -31.01
C ALA A 80 -6.08 0.22 -30.67
N ARG A 81 -5.40 -0.92 -30.49
CA ARG A 81 -3.97 -0.93 -30.26
C ARG A 81 -3.23 -0.27 -31.41
N ASP A 82 -3.55 -0.69 -32.64
CA ASP A 82 -2.90 -0.11 -33.83
C ASP A 82 -3.10 1.40 -33.88
N ASN A 83 -4.30 1.84 -33.51
CA ASN A 83 -4.63 3.25 -33.47
C ASN A 83 -3.81 4.02 -32.44
N MET A 84 -3.58 3.41 -31.28
CA MET A 84 -2.70 4.02 -30.29
C MET A 84 -1.29 4.17 -30.87
N PHE A 85 -0.75 3.09 -31.42
CA PHE A 85 0.61 3.07 -31.95
C PHE A 85 0.82 3.99 -33.17
N SER A 86 -0.26 4.29 -33.89
CA SER A 86 -0.17 5.12 -35.10
C SER A 86 -0.35 6.62 -34.83
N GLY A 87 -0.66 6.97 -33.58
CA GLY A 87 -0.79 8.36 -33.20
C GLY A 87 -2.19 8.93 -33.38
N SER A 88 -3.18 8.05 -33.56
CA SER A 88 -4.58 8.45 -33.58
C SER A 88 -4.95 9.06 -32.23
N LYS A 89 -5.87 10.03 -32.25
CA LYS A 89 -6.19 10.73 -31.01
C LYS A 89 -7.22 9.96 -30.17
N ILE A 90 -6.78 8.83 -29.62
CA ILE A 90 -7.67 7.91 -28.91
C ILE A 90 -8.05 8.37 -27.50
N ASN A 91 -7.33 9.36 -26.97
CA ASN A 91 -7.79 10.07 -25.79
C ASN A 91 -8.86 11.06 -26.26
N TYR A 92 -10.08 10.56 -26.45
CA TYR A 92 -11.13 11.30 -27.14
C TYR A 92 -11.73 12.46 -26.34
N THR A 93 -11.67 12.38 -25.01
CA THR A 93 -12.22 13.48 -24.20
C THR A 93 -11.32 14.72 -24.19
N GLU A 94 -10.01 14.51 -24.35
CA GLU A 94 -9.06 15.61 -24.38
C GLU A 94 -8.53 15.88 -25.79
N ASP A 95 -9.02 15.07 -26.74
CA ASP A 95 -8.58 15.10 -28.14
C ASP A 95 -7.04 15.07 -28.25
N ARG A 96 -6.45 14.00 -27.74
CA ARG A 96 -5.01 13.84 -27.70
C ARG A 96 -4.62 12.46 -28.19
N ALA A 97 -3.42 12.36 -28.76
CA ALA A 97 -2.79 11.07 -29.01
C ALA A 97 -2.38 10.46 -27.67
N VAL A 98 -2.03 9.18 -27.70
CA VAL A 98 -1.58 8.47 -26.50
C VAL A 98 -0.31 7.76 -26.92
N LEU A 99 0.83 8.37 -26.65
CA LEU A 99 2.06 7.95 -27.29
C LEU A 99 3.25 7.75 -26.37
N HIS A 100 3.00 7.16 -25.21
CA HIS A 100 4.13 6.71 -24.40
C HIS A 100 4.97 5.70 -25.18
N VAL A 101 4.36 4.97 -26.12
CA VAL A 101 5.13 4.02 -26.95
C VAL A 101 6.17 4.72 -27.84
N ALA A 102 5.89 5.96 -28.23
CA ALA A 102 6.83 6.75 -29.03
C ALA A 102 8.07 7.14 -28.23
N LEU A 103 7.88 7.35 -26.93
CA LEU A 103 8.98 7.77 -26.05
C LEU A 103 10.12 6.76 -26.05
N ARG A 104 9.76 5.48 -26.18
CA ARG A 104 10.72 4.37 -26.18
C ARG A 104 10.80 3.67 -27.53
N ASN A 105 10.39 4.36 -28.59
CA ASN A 105 10.40 3.79 -29.93
C ASN A 105 11.83 3.72 -30.47
N ARG A 106 12.57 2.70 -30.04
CA ARG A 106 13.99 2.56 -30.36
C ARG A 106 14.26 2.37 -31.85
N SER A 107 13.28 1.79 -32.55
CA SER A 107 13.37 1.58 -34.00
C SER A 107 13.42 2.89 -34.78
N ASN A 108 12.86 3.95 -34.18
CA ASN A 108 12.73 5.27 -34.81
C ASN A 108 11.85 5.32 -36.06
N THR A 109 11.04 4.28 -36.27
CA THR A 109 10.00 4.30 -37.27
C THR A 109 9.09 5.49 -36.98
N PRO A 110 8.85 6.33 -37.98
CA PRO A 110 8.03 7.53 -37.78
C PRO A 110 6.67 7.22 -37.16
N ILE A 111 6.32 8.02 -36.15
CA ILE A 111 4.98 8.01 -35.59
C ILE A 111 4.47 9.43 -35.69
N LYS A 112 3.37 9.60 -36.43
CA LYS A 112 2.87 10.93 -36.76
C LYS A 112 1.72 11.37 -35.87
N VAL A 113 1.77 12.62 -35.45
CA VAL A 113 0.64 13.31 -34.85
C VAL A 113 0.41 14.58 -35.66
N ASP A 114 -0.80 14.74 -36.18
CA ASP A 114 -1.14 15.90 -37.01
C ASP A 114 -0.22 16.00 -38.23
N GLY A 115 0.10 14.84 -38.81
CA GLY A 115 0.93 14.76 -39.99
C GLY A 115 2.43 14.90 -39.75
N LYS A 116 2.84 15.10 -38.51
CA LYS A 116 4.25 15.34 -38.19
C LYS A 116 4.85 14.23 -37.32
N ASP A 117 5.98 13.69 -37.77
CA ASP A 117 6.70 12.67 -37.01
C ASP A 117 7.12 13.23 -35.65
N VAL A 118 6.81 12.48 -34.59
CA VAL A 118 7.17 12.90 -33.23
C VAL A 118 8.58 12.48 -32.80
N MET A 119 9.19 11.55 -33.56
CA MET A 119 10.46 10.96 -33.17
C MET A 119 11.67 11.91 -33.09
N PRO A 120 11.85 12.82 -34.05
CA PRO A 120 12.93 13.82 -33.93
C PRO A 120 12.91 14.58 -32.60
N GLU A 121 11.73 15.01 -32.15
CA GLU A 121 11.65 15.74 -30.88
C GLU A 121 11.85 14.83 -29.68
N VAL A 122 11.30 13.62 -29.74
CA VAL A 122 11.57 12.60 -28.71
C VAL A 122 13.07 12.41 -28.53
N ASN A 123 13.76 12.21 -29.65
CA ASN A 123 15.20 11.95 -29.63
C ASN A 123 16.05 13.17 -29.27
N ARG A 124 15.59 14.36 -29.66
CA ARG A 124 16.27 15.59 -29.25
C ARG A 124 16.30 15.75 -27.72
N VAL A 125 15.16 15.50 -27.09
CA VAL A 125 15.07 15.60 -25.63
C VAL A 125 15.90 14.50 -24.97
N LEU A 126 15.86 13.29 -25.53
CA LEU A 126 16.68 12.20 -24.99
C LEU A 126 18.18 12.56 -25.06
N ASP A 127 18.60 13.14 -26.18
CA ASP A 127 19.99 13.59 -26.37
C ASP A 127 20.36 14.67 -25.35
N LYS A 128 19.43 15.57 -25.07
CA LYS A 128 19.63 16.62 -24.07
C LYS A 128 19.78 16.00 -22.67
N MET A 129 18.93 15.02 -22.37
CA MET A 129 19.00 14.31 -21.09
C MET A 129 20.35 13.64 -20.93
N LYS A 130 20.81 12.98 -22.00
CA LYS A 130 22.07 12.25 -21.98
C LYS A 130 23.23 13.20 -21.70
N SER A 131 23.25 14.33 -22.39
CA SER A 131 24.29 15.33 -22.22
C SER A 131 24.30 15.86 -20.79
N PHE A 132 23.13 16.22 -20.29
CA PHE A 132 22.98 16.71 -18.92
C PHE A 132 23.45 15.69 -17.88
N CYS A 133 23.06 14.42 -18.07
CA CYS A 133 23.47 13.35 -17.17
C CYS A 133 24.99 13.21 -17.10
N GLN A 134 25.65 13.25 -18.25
CA GLN A 134 27.12 13.17 -18.31
C GLN A 134 27.75 14.31 -17.51
N ARG A 135 27.23 15.52 -17.70
CA ARG A 135 27.78 16.71 -17.04
C ARG A 135 27.64 16.63 -15.53
N VAL A 136 26.46 16.22 -15.06
CA VAL A 136 26.23 16.13 -13.62
C VAL A 136 26.98 14.96 -12.99
N ARG A 137 26.84 13.77 -13.56
CA ARG A 137 27.41 12.56 -12.99
C ARG A 137 28.94 12.56 -12.97
N SER A 138 29.55 13.19 -13.98
CA SER A 138 31.02 13.30 -14.08
C SER A 138 31.61 14.24 -13.02
N GLY A 139 30.77 15.07 -12.41
CA GLY A 139 31.23 16.09 -11.50
C GLY A 139 31.53 17.41 -12.18
N ASP A 140 31.39 17.46 -13.51
CA ASP A 140 31.70 18.67 -14.27
C ASP A 140 30.77 19.82 -13.92
N TRP A 141 29.47 19.51 -13.79
CA TRP A 141 28.45 20.50 -13.44
C TRP A 141 28.68 20.98 -12.02
N LYS A 142 28.94 22.28 -11.87
CA LYS A 142 29.22 22.85 -10.54
C LYS A 142 28.09 23.74 -10.02
N GLY A 143 27.93 23.72 -8.70
CA GLY A 143 26.95 24.56 -8.03
C GLY A 143 27.46 25.97 -7.87
N TYR A 144 26.66 26.82 -7.23
CA TYR A 144 26.95 28.25 -7.15
C TYR A 144 28.24 28.62 -6.40
N THR A 145 28.75 27.71 -5.56
CA THR A 145 30.03 27.94 -4.89
C THR A 145 31.18 27.14 -5.52
N GLY A 146 30.89 26.46 -6.62
CA GLY A 146 31.91 25.76 -7.39
C GLY A 146 32.14 24.30 -7.03
N LYS A 147 31.14 23.67 -6.41
CA LYS A 147 31.25 22.28 -5.96
C LYS A 147 30.40 21.36 -6.83
N SER A 148 30.84 20.10 -6.99
CA SER A 148 30.06 19.10 -7.71
C SER A 148 28.73 18.81 -7.01
N ILE A 149 27.73 18.41 -7.77
CA ILE A 149 26.41 18.05 -7.25
C ILE A 149 26.45 16.66 -6.58
N THR A 150 25.92 16.56 -5.37
CA THR A 150 25.92 15.30 -4.61
C THR A 150 24.51 14.74 -4.41
N ASP A 151 23.50 15.60 -4.58
CA ASP A 151 22.11 15.24 -4.34
C ASP A 151 21.22 15.81 -5.43
N ILE A 152 20.31 14.98 -5.94
CA ILE A 152 19.27 15.46 -6.85
C ILE A 152 17.90 15.30 -6.20
N ILE A 153 17.06 16.31 -6.33
CA ILE A 153 15.75 16.29 -5.68
C ILE A 153 14.65 16.49 -6.71
N ASN A 154 13.89 15.42 -6.96
CA ASN A 154 12.72 15.52 -7.81
C ASN A 154 11.57 16.09 -7.00
N ILE A 155 10.97 17.17 -7.51
CA ILE A 155 9.77 17.74 -6.92
C ILE A 155 8.64 17.58 -7.93
N GLY A 156 7.63 16.80 -7.56
CA GLY A 156 6.51 16.50 -8.44
C GLY A 156 5.55 15.61 -7.71
N ILE A 157 4.37 15.40 -8.28
CA ILE A 157 3.36 14.59 -7.60
C ILE A 157 2.62 13.73 -8.60
N GLY A 158 2.05 12.62 -8.14
CA GLY A 158 1.32 11.71 -9.02
C GLY A 158 2.22 11.20 -10.14
N GLY A 159 1.78 11.39 -11.39
CA GLY A 159 2.56 10.95 -12.54
C GLY A 159 3.95 11.55 -12.62
N SER A 160 4.15 12.71 -11.99
CA SER A 160 5.46 13.36 -11.99
C SER A 160 6.35 12.95 -10.80
N ASP A 161 5.92 11.93 -10.05
CA ASP A 161 6.64 11.48 -8.85
C ASP A 161 6.83 9.95 -8.83
N LEU A 162 5.73 9.20 -8.94
CA LEU A 162 5.75 7.79 -8.58
C LEU A 162 6.57 6.89 -9.51
N GLY A 163 6.55 7.18 -10.81
CA GLY A 163 7.39 6.47 -11.76
C GLY A 163 8.87 6.55 -11.48
N PRO A 164 9.42 7.76 -11.48
CA PRO A 164 10.83 7.95 -11.13
C PRO A 164 11.19 7.38 -9.76
N LEU A 165 10.30 7.53 -8.78
CA LEU A 165 10.54 7.00 -7.45
C LEU A 165 10.62 5.46 -7.48
N MET A 166 9.60 4.83 -8.06
CA MET A 166 9.54 3.38 -8.09
C MET A 166 10.74 2.79 -8.84
N VAL A 167 11.09 3.41 -9.97
CA VAL A 167 12.15 2.90 -10.81
C VAL A 167 13.54 3.08 -10.19
N THR A 168 13.81 4.23 -9.57
CA THR A 168 15.11 4.43 -8.88
C THR A 168 15.22 3.50 -7.67
N GLU A 169 14.09 3.21 -7.02
CA GLU A 169 14.10 2.21 -5.96
C GLU A 169 14.38 0.81 -6.52
N ALA A 170 13.71 0.45 -7.61
CA ALA A 170 13.87 -0.87 -8.22
C ALA A 170 15.26 -1.12 -8.81
N LEU A 171 15.91 -0.04 -9.24
CA LEU A 171 17.20 -0.12 -9.93
C LEU A 171 18.34 0.41 -9.07
N LYS A 172 18.14 0.41 -7.76
CA LYS A 172 19.13 0.93 -6.82
C LYS A 172 20.57 0.39 -7.02
N PRO A 173 20.75 -0.92 -7.28
CA PRO A 173 22.10 -1.47 -7.47
C PRO A 173 22.85 -0.87 -8.67
N TYR A 174 22.11 -0.22 -9.57
CA TYR A 174 22.70 0.38 -10.77
C TYR A 174 23.08 1.85 -10.58
N SER A 175 23.02 2.31 -9.32
CA SER A 175 23.21 3.73 -8.99
C SER A 175 24.58 4.08 -8.42
N LYS A 176 25.50 3.12 -8.39
CA LYS A 176 26.87 3.40 -7.95
C LYS A 176 27.50 4.45 -8.87
N GLY A 177 28.06 5.50 -8.28
CA GLY A 177 28.65 6.59 -9.05
C GLY A 177 27.65 7.63 -9.53
N GLY A 178 26.41 7.52 -9.06
CA GLY A 178 25.40 8.52 -9.32
C GLY A 178 25.15 9.34 -8.08
N PRO A 179 24.55 10.53 -8.23
CA PRO A 179 24.20 11.35 -7.06
C PRO A 179 23.05 10.70 -6.29
N ARG A 180 22.97 10.99 -5.00
CA ARG A 180 21.81 10.56 -4.21
C ARG A 180 20.57 11.19 -4.80
N VAL A 181 19.47 10.45 -4.77
CA VAL A 181 18.19 10.96 -5.26
C VAL A 181 17.14 11.04 -4.16
N TRP A 182 16.42 12.16 -4.14
CA TRP A 182 15.35 12.41 -3.17
C TRP A 182 14.08 12.71 -3.92
N PHE A 183 12.94 12.30 -3.37
CA PHE A 183 11.65 12.61 -3.97
C PHE A 183 10.78 13.39 -3.00
N VAL A 184 10.38 14.59 -3.42
CA VAL A 184 9.48 15.42 -2.64
C VAL A 184 8.20 15.54 -3.45
N SER A 185 7.05 15.27 -2.84
CA SER A 185 5.79 15.22 -3.57
C SER A 185 4.60 15.81 -2.80
N ASN A 186 4.43 15.37 -1.57
CA ASN A 186 3.30 15.85 -0.76
C ASN A 186 3.41 17.35 -0.53
N ILE A 187 2.28 18.04 -0.53
CA ILE A 187 2.25 19.43 -0.05
C ILE A 187 2.57 19.48 1.44
N ASP A 188 2.21 18.43 2.16
CA ASP A 188 2.58 18.34 3.58
C ASP A 188 4.02 18.79 3.80
N GLY A 189 4.17 19.89 4.54
CA GLY A 189 5.46 20.54 4.75
C GLY A 189 6.55 19.65 5.31
N THR A 190 6.14 18.60 6.03
CA THR A 190 7.04 17.55 6.46
C THR A 190 7.92 17.03 5.33
N HIS A 191 7.34 16.84 4.14
CA HIS A 191 8.08 16.23 3.05
C HIS A 191 9.30 17.08 2.63
N ILE A 192 9.06 18.34 2.24
CA ILE A 192 10.18 19.19 1.83
C ILE A 192 11.08 19.54 3.01
N ALA A 193 10.49 19.76 4.19
CA ALA A 193 11.27 20.19 5.35
C ALA A 193 12.30 19.16 5.77
N LYS A 194 11.90 17.90 5.84
CA LYS A 194 12.83 16.84 6.24
C LYS A 194 13.89 16.58 5.19
N THR A 195 13.52 16.76 3.92
CA THR A 195 14.45 16.64 2.81
C THR A 195 15.52 17.74 2.86
N LEU A 196 15.07 18.99 2.97
CA LEU A 196 16.00 20.14 2.99
C LEU A 196 16.93 20.14 4.20
N ALA A 197 16.47 19.54 5.31
CA ALA A 197 17.29 19.47 6.52
C ALA A 197 18.55 18.62 6.31
N SER A 198 18.52 17.75 5.32
CA SER A 198 19.61 16.83 5.03
C SER A 198 20.51 17.30 3.90
N LEU A 199 20.27 18.51 3.41
CA LEU A 199 20.92 18.98 2.19
C LEU A 199 21.67 20.29 2.35
N SER A 200 22.64 20.52 1.46
CA SER A 200 23.29 21.81 1.32
C SER A 200 22.84 22.45 0.01
N PRO A 201 22.49 23.74 0.05
CA PRO A 201 22.13 24.47 -1.17
C PRO A 201 23.26 24.45 -2.19
N GLU A 202 24.51 24.29 -1.74
CA GLU A 202 25.68 24.33 -2.61
C GLU A 202 25.80 23.11 -3.53
N THR A 203 25.23 21.99 -3.12
CA THR A 203 25.49 20.72 -3.80
C THR A 203 24.21 19.97 -4.18
N SER A 204 23.08 20.66 -4.11
CA SER A 204 21.78 20.07 -4.41
C SER A 204 21.22 20.61 -5.72
N LEU A 205 20.77 19.70 -6.58
CA LEU A 205 20.13 20.06 -7.83
C LEU A 205 18.65 19.67 -7.78
N PHE A 206 17.78 20.65 -7.95
CA PHE A 206 16.33 20.43 -7.93
C PHE A 206 15.76 20.23 -9.33
N ILE A 207 14.85 19.27 -9.42
CA ILE A 207 14.21 18.91 -10.67
C ILE A 207 12.72 19.12 -10.46
N ILE A 208 12.19 20.17 -11.08
CA ILE A 208 10.77 20.47 -10.93
C ILE A 208 10.03 19.76 -12.04
N ALA A 209 9.35 18.67 -11.65
CA ALA A 209 8.68 17.80 -12.62
C ALA A 209 7.18 18.06 -12.63
N SER A 210 6.69 18.64 -13.72
CA SER A 210 5.28 18.98 -13.83
C SER A 210 4.90 19.23 -15.28
N LYS A 211 4.01 18.40 -15.80
CA LYS A 211 3.49 18.53 -17.16
C LYS A 211 2.91 19.93 -17.40
N THR A 212 2.02 20.34 -16.49
CA THR A 212 1.33 21.63 -16.59
C THR A 212 2.16 22.78 -16.06
N PHE A 213 3.02 22.47 -15.08
CA PHE A 213 3.75 23.47 -14.29
C PHE A 213 2.83 24.43 -13.53
N THR A 214 1.63 23.94 -13.17
CA THR A 214 0.68 24.72 -12.38
C THR A 214 0.15 23.97 -11.15
N THR A 215 0.45 22.67 -11.04
CA THR A 215 -0.04 21.85 -9.94
C THR A 215 0.34 22.44 -8.59
N GLN A 216 -0.65 22.62 -7.72
CA GLN A 216 -0.45 23.38 -6.49
C GLN A 216 0.67 22.81 -5.60
N GLU A 217 0.66 21.50 -5.37
CA GLU A 217 1.64 20.90 -4.48
C GLU A 217 3.05 21.12 -5.03
N THR A 218 3.21 20.88 -6.33
CA THR A 218 4.53 20.97 -6.98
C THR A 218 5.08 22.39 -7.05
N ILE A 219 4.25 23.33 -7.50
CA ILE A 219 4.69 24.72 -7.57
C ILE A 219 4.98 25.29 -6.18
N THR A 220 4.15 24.95 -5.19
CA THR A 220 4.41 25.38 -3.81
C THR A 220 5.71 24.79 -3.26
N ASN A 221 5.89 23.48 -3.42
CA ASN A 221 7.14 22.86 -3.02
C ASN A 221 8.35 23.48 -3.73
N ALA A 222 8.20 23.73 -5.03
CA ALA A 222 9.28 24.34 -5.83
C ALA A 222 9.64 25.73 -5.32
N GLU A 223 8.61 26.52 -5.00
CA GLU A 223 8.83 27.88 -4.49
C GLU A 223 9.48 27.86 -3.11
N THR A 224 9.05 26.91 -2.28
CA THR A 224 9.71 26.69 -0.98
C THR A 224 11.20 26.33 -1.13
N ALA A 225 11.49 25.40 -2.04
CA ALA A 225 12.87 25.03 -2.34
C ALA A 225 13.70 26.22 -2.84
N LYS A 226 13.11 27.01 -3.73
CA LYS A 226 13.80 28.17 -4.30
C LYS A 226 14.10 29.23 -3.25
N GLU A 227 13.14 29.48 -2.36
CA GLU A 227 13.32 30.42 -1.26
C GLU A 227 14.46 29.97 -0.34
N TRP A 228 14.44 28.68 0.01
CA TRP A 228 15.50 28.08 0.82
C TRP A 228 16.85 28.24 0.12
N PHE A 229 16.87 27.96 -1.18
CA PHE A 229 18.10 28.08 -1.95
C PHE A 229 18.61 29.52 -1.97
N LEU A 230 17.70 30.45 -2.27
CA LEU A 230 18.08 31.87 -2.41
C LEU A 230 18.47 32.52 -1.08
N GLU A 231 17.94 32.00 0.02
CA GLU A 231 18.38 32.46 1.34
C GLU A 231 19.88 32.26 1.52
N ALA A 232 20.42 31.19 0.91
CA ALA A 232 21.83 30.88 0.98
C ALA A 232 22.64 31.51 -0.16
N ALA A 233 22.15 31.38 -1.39
CA ALA A 233 22.89 31.84 -2.57
C ALA A 233 22.83 33.35 -2.77
N LYS A 234 21.67 33.94 -2.46
CA LYS A 234 21.46 35.39 -2.52
C LYS A 234 21.74 35.98 -3.92
N ASP A 235 21.45 35.18 -4.94
CA ASP A 235 21.76 35.52 -6.33
C ASP A 235 20.83 34.76 -7.28
N PRO A 236 19.92 35.49 -7.93
CA PRO A 236 18.97 34.88 -8.87
C PRO A 236 19.62 34.12 -10.03
N SER A 237 20.80 34.55 -10.48
CA SER A 237 21.52 33.84 -11.54
C SER A 237 21.99 32.45 -11.10
N ALA A 238 22.13 32.23 -9.80
CA ALA A 238 22.58 30.94 -9.25
C ALA A 238 21.51 29.86 -9.43
N VAL A 239 20.26 30.27 -9.55
CA VAL A 239 19.13 29.34 -9.75
C VAL A 239 19.36 28.44 -10.97
N ALA A 240 19.96 29.01 -12.03
CA ALA A 240 20.27 28.26 -13.25
C ALA A 240 21.25 27.09 -13.07
N LYS A 241 22.00 27.09 -11.97
CA LYS A 241 22.92 26.00 -11.68
C LYS A 241 22.27 24.92 -10.81
N HIS A 242 21.06 25.19 -10.31
CA HIS A 242 20.48 24.36 -9.28
C HIS A 242 19.04 23.93 -9.50
N PHE A 243 18.42 24.42 -10.57
CA PHE A 243 17.01 24.15 -10.85
C PHE A 243 16.82 23.84 -12.33
N VAL A 244 16.24 22.68 -12.63
CA VAL A 244 15.81 22.35 -13.99
C VAL A 244 14.34 21.99 -13.96
N ALA A 245 13.70 22.04 -15.13
CA ALA A 245 12.28 21.78 -15.23
C ALA A 245 11.99 20.69 -16.26
N LEU A 246 11.05 19.82 -15.91
CA LEU A 246 10.53 18.82 -16.84
C LEU A 246 9.06 19.15 -17.07
N SER A 247 8.72 19.60 -18.28
CA SER A 247 7.39 20.17 -18.49
C SER A 247 6.98 20.27 -19.96
N THR A 248 5.71 20.58 -20.19
CA THR A 248 5.23 20.96 -21.52
C THR A 248 4.97 22.47 -21.63
N ASN A 249 5.07 23.16 -20.50
CA ASN A 249 4.66 24.57 -20.39
C ASN A 249 5.84 25.52 -20.30
N THR A 250 6.39 25.90 -21.46
CA THR A 250 7.55 26.78 -21.53
C THR A 250 7.32 28.12 -20.82
N ALA A 251 6.14 28.70 -21.01
CA ALA A 251 5.79 30.00 -20.44
C ALA A 251 5.79 30.00 -18.91
N LYS A 252 5.21 28.95 -18.32
CA LYS A 252 5.15 28.85 -16.86
C LYS A 252 6.51 28.50 -16.25
N VAL A 253 7.30 27.73 -16.98
CA VAL A 253 8.67 27.43 -16.58
C VAL A 253 9.50 28.72 -16.53
N LYS A 254 9.38 29.55 -17.56
CA LYS A 254 10.03 30.85 -17.62
C LYS A 254 9.55 31.77 -16.48
N GLU A 255 8.24 31.74 -16.24
CA GLU A 255 7.60 32.55 -15.19
C GLU A 255 8.16 32.24 -13.80
N PHE A 256 8.35 30.95 -13.52
CA PHE A 256 8.97 30.49 -12.27
C PHE A 256 10.42 30.93 -12.16
N GLY A 257 11.06 31.20 -13.30
CA GLY A 257 12.41 31.74 -13.30
C GLY A 257 13.49 30.73 -13.67
N ILE A 258 13.10 29.68 -14.42
CA ILE A 258 14.06 28.69 -14.88
C ILE A 258 14.54 28.96 -16.30
N ASP A 259 15.87 28.88 -16.46
CA ASP A 259 16.57 28.94 -17.73
C ASP A 259 15.89 28.07 -18.80
N PRO A 260 15.62 28.62 -19.99
CA PRO A 260 14.97 27.85 -21.06
C PRO A 260 15.82 26.65 -21.51
N GLN A 261 17.14 26.78 -21.39
CA GLN A 261 18.07 25.68 -21.65
C GLN A 261 18.09 24.66 -20.52
N ASN A 262 17.40 24.97 -19.43
CA ASN A 262 17.25 24.04 -18.30
C ASN A 262 15.89 23.35 -18.31
N MET A 263 15.16 23.46 -19.43
CA MET A 263 13.87 22.80 -19.57
C MET A 263 13.94 21.58 -20.47
N PHE A 264 13.49 20.44 -19.92
CA PHE A 264 13.43 19.18 -20.65
C PHE A 264 11.98 18.93 -21.02
N GLU A 265 11.71 19.02 -22.32
CA GLU A 265 10.35 19.07 -22.84
C GLU A 265 9.74 17.69 -23.00
N PHE A 266 8.44 17.60 -22.70
CA PHE A 266 7.62 16.52 -23.22
C PHE A 266 6.32 17.06 -23.84
N TRP A 267 5.36 16.20 -24.09
CA TRP A 267 4.24 16.53 -24.98
C TRP A 267 2.90 16.12 -24.39
N ASP A 268 1.82 16.70 -24.91
CA ASP A 268 0.50 16.46 -24.34
C ASP A 268 0.05 15.00 -24.44
N TRP A 269 0.59 14.27 -25.42
CA TRP A 269 0.28 12.86 -25.63
C TRP A 269 1.05 11.92 -24.69
N VAL A 270 1.82 12.50 -23.77
CA VAL A 270 2.44 11.73 -22.69
C VAL A 270 1.60 11.88 -21.43
N GLY A 271 0.82 10.86 -21.09
CA GLY A 271 0.04 10.86 -19.86
C GLY A 271 0.97 10.87 -18.66
N GLY A 272 0.58 11.57 -17.60
CA GLY A 272 1.43 11.66 -16.42
C GLY A 272 1.81 10.28 -15.88
N ARG A 273 0.81 9.43 -15.70
CA ARG A 273 1.03 8.08 -15.18
C ARG A 273 1.68 7.13 -16.21
N TYR A 274 2.02 7.68 -17.38
CA TYR A 274 2.76 6.98 -18.43
C TYR A 274 4.00 7.75 -18.81
N SER A 275 4.52 8.58 -17.89
CA SER A 275 5.52 9.57 -18.28
C SER A 275 6.96 9.31 -17.90
N LEU A 276 7.23 8.26 -17.11
CA LEU A 276 8.63 8.00 -16.69
C LEU A 276 9.60 7.79 -17.85
N TRP A 277 9.05 7.44 -19.01
CA TRP A 277 9.79 7.17 -20.25
C TRP A 277 10.26 8.45 -20.95
N SER A 278 9.68 9.57 -20.56
CA SER A 278 9.96 10.87 -21.14
C SER A 278 11.01 11.63 -20.33
N ALA A 279 11.08 12.94 -20.54
CA ALA A 279 11.86 13.85 -19.70
C ALA A 279 11.60 13.64 -18.21
N ILE A 280 10.38 13.24 -17.84
CA ILE A 280 10.05 12.97 -16.44
C ILE A 280 11.00 11.94 -15.82
N GLY A 281 11.59 11.09 -16.67
CA GLY A 281 12.55 10.12 -16.21
C GLY A 281 13.96 10.66 -15.96
N LEU A 282 14.14 11.98 -15.99
CA LEU A 282 15.49 12.53 -15.83
C LEU A 282 16.17 12.11 -14.52
N SER A 283 15.42 12.09 -13.41
CA SER A 283 15.99 11.65 -12.13
C SER A 283 16.43 10.19 -12.18
N ILE A 284 15.73 9.35 -12.94
CA ILE A 284 16.18 7.96 -13.16
C ILE A 284 17.54 7.97 -13.86
N ALA A 285 17.62 8.66 -14.98
CA ALA A 285 18.85 8.71 -15.77
C ALA A 285 20.03 9.32 -15.01
N LEU A 286 19.77 10.33 -14.19
CA LEU A 286 20.84 10.92 -13.37
C LEU A 286 21.34 9.94 -12.31
N HIS A 287 20.41 9.20 -11.71
CA HIS A 287 20.72 8.27 -10.62
C HIS A 287 21.46 7.02 -11.10
N VAL A 288 20.95 6.38 -12.17
CA VAL A 288 21.53 5.11 -12.63
C VAL A 288 22.37 5.24 -13.90
N GLY A 289 22.33 6.42 -14.53
CA GLY A 289 23.06 6.63 -15.77
C GLY A 289 22.17 6.54 -16.98
N PHE A 290 22.50 7.33 -18.00
CA PHE A 290 21.68 7.35 -19.20
C PHE A 290 21.66 6.01 -19.95
N ASP A 291 22.78 5.27 -19.92
CA ASP A 291 22.81 3.97 -20.58
C ASP A 291 21.75 3.04 -19.97
N HIS A 292 21.66 3.02 -18.65
CA HIS A 292 20.66 2.18 -17.98
C HIS A 292 19.24 2.67 -18.26
N PHE A 293 19.07 3.98 -18.36
CA PHE A 293 17.78 4.54 -18.74
C PHE A 293 17.38 4.10 -20.15
N GLU A 294 18.35 4.10 -21.05
CA GLU A 294 18.14 3.59 -22.41
C GLU A 294 17.78 2.12 -22.44
N GLN A 295 18.37 1.34 -21.53
CA GLN A 295 18.06 -0.09 -21.42
C GLN A 295 16.62 -0.26 -20.94
N LEU A 296 16.22 0.56 -19.98
CA LEU A 296 14.84 0.60 -19.50
C LEU A 296 13.86 0.86 -20.65
N LEU A 297 14.17 1.86 -21.48
CA LEU A 297 13.36 2.19 -22.66
C LEU A 297 13.31 1.03 -23.64
N SER A 298 14.47 0.39 -23.86
CA SER A 298 14.59 -0.73 -24.78
C SER A 298 13.73 -1.92 -24.36
N GLY A 299 13.68 -2.19 -23.06
CA GLY A 299 12.86 -3.27 -22.52
C GLY A 299 11.39 -3.01 -22.76
N ALA A 300 10.98 -1.76 -22.55
CA ALA A 300 9.61 -1.37 -22.84
C ALA A 300 9.31 -1.52 -24.33
N HIS A 301 10.29 -1.15 -25.16
CA HIS A 301 10.12 -1.27 -26.61
C HIS A 301 9.93 -2.74 -27.02
N TRP A 302 10.68 -3.64 -26.40
CA TRP A 302 10.54 -5.07 -26.69
C TRP A 302 9.10 -5.51 -26.43
N MET A 303 8.59 -5.14 -25.25
CA MET A 303 7.23 -5.49 -24.84
C MET A 303 6.17 -4.82 -25.71
N ASP A 304 6.44 -3.60 -26.18
CA ASP A 304 5.55 -2.92 -27.13
C ASP A 304 5.42 -3.74 -28.40
N GLN A 305 6.57 -4.20 -28.90
CA GLN A 305 6.61 -4.97 -30.13
C GLN A 305 5.93 -6.33 -29.96
N HIS A 306 6.09 -6.91 -28.77
CA HIS A 306 5.39 -8.14 -28.41
C HIS A 306 3.89 -7.92 -28.47
N PHE A 307 3.43 -6.84 -27.84
CA PHE A 307 2.00 -6.50 -27.81
C PHE A 307 1.45 -6.26 -29.22
N LEU A 308 2.25 -5.59 -30.05
CA LEU A 308 1.83 -5.16 -31.38
C LEU A 308 1.73 -6.32 -32.38
N LYS A 309 2.66 -7.28 -32.29
CA LYS A 309 2.84 -8.30 -33.33
C LYS A 309 2.34 -9.72 -32.99
N THR A 310 2.04 -9.99 -31.71
CA THR A 310 1.71 -11.33 -31.26
C THR A 310 0.21 -11.62 -31.33
N PRO A 311 -0.17 -12.80 -31.87
CA PRO A 311 -1.57 -13.23 -31.85
C PRO A 311 -2.15 -13.17 -30.43
N LEU A 312 -3.39 -12.71 -30.30
CA LEU A 312 -4.00 -12.45 -29.00
C LEU A 312 -3.87 -13.63 -28.03
N GLU A 313 -4.01 -14.85 -28.54
CA GLU A 313 -3.98 -16.05 -27.71
C GLU A 313 -2.63 -16.32 -27.05
N LYS A 314 -1.57 -15.67 -27.54
CA LYS A 314 -0.21 -15.85 -27.01
C LYS A 314 0.43 -14.53 -26.61
N ASN A 315 -0.42 -13.52 -26.41
CA ASN A 315 -0.02 -12.13 -26.18
C ASN A 315 -0.11 -11.82 -24.68
N ALA A 316 1.03 -11.60 -24.02
CA ALA A 316 1.07 -11.55 -22.56
C ALA A 316 0.17 -10.48 -21.92
N PRO A 317 0.28 -9.21 -22.31
CA PRO A 317 -0.61 -8.18 -21.76
C PRO A 317 -2.08 -8.45 -22.04
N VAL A 318 -2.39 -8.98 -23.22
CA VAL A 318 -3.77 -9.32 -23.56
C VAL A 318 -4.30 -10.42 -22.61
N LEU A 319 -3.52 -11.48 -22.43
CA LEU A 319 -3.94 -12.57 -21.55
C LEU A 319 -4.14 -12.13 -20.10
N LEU A 320 -3.21 -11.32 -19.56
CA LEU A 320 -3.37 -10.78 -18.23
C LEU A 320 -4.64 -9.93 -18.14
N ALA A 321 -4.89 -9.14 -19.18
CA ALA A 321 -6.08 -8.30 -19.22
C ALA A 321 -7.35 -9.14 -19.22
N LEU A 322 -7.35 -10.21 -20.03
CA LEU A 322 -8.52 -11.08 -20.14
C LEU A 322 -8.81 -11.85 -18.86
N LEU A 323 -7.75 -12.28 -18.17
CA LEU A 323 -7.93 -12.96 -16.90
C LEU A 323 -8.57 -12.01 -15.89
N GLY A 324 -8.11 -10.77 -15.90
CA GLY A 324 -8.70 -9.71 -15.07
C GLY A 324 -10.19 -9.51 -15.35
N ILE A 325 -10.56 -9.42 -16.64
CA ILE A 325 -11.97 -9.27 -17.03
C ILE A 325 -12.81 -10.43 -16.48
N TRP A 326 -12.29 -11.63 -16.65
CA TRP A 326 -12.90 -12.83 -16.10
C TRP A 326 -13.19 -12.66 -14.60
N TYR A 327 -12.20 -12.23 -13.83
CA TYR A 327 -12.38 -12.10 -12.38
C TYR A 327 -13.21 -10.88 -11.99
N ILE A 328 -13.13 -9.81 -12.77
CA ILE A 328 -13.85 -8.59 -12.43
C ILE A 328 -15.32 -8.67 -12.86
N ASN A 329 -15.54 -8.98 -14.13
CA ASN A 329 -16.88 -8.93 -14.71
C ASN A 329 -17.71 -10.21 -14.58
N CYS A 330 -17.05 -11.35 -14.33
CA CYS A 330 -17.79 -12.59 -14.11
C CYS A 330 -17.82 -13.01 -12.63
N TYR A 331 -16.66 -13.03 -11.97
CA TYR A 331 -16.60 -13.35 -10.53
C TYR A 331 -16.93 -12.18 -9.60
N GLY A 332 -16.78 -10.94 -10.08
CA GLY A 332 -17.11 -9.77 -9.29
C GLY A 332 -16.06 -9.39 -8.25
N CYS A 333 -14.79 -9.77 -8.48
CA CYS A 333 -13.71 -9.44 -7.54
C CYS A 333 -13.35 -7.96 -7.64
N GLU A 334 -13.43 -7.27 -6.50
CA GLU A 334 -13.16 -5.83 -6.45
C GLU A 334 -11.70 -5.49 -6.62
N THR A 335 -10.81 -6.41 -6.23
CA THR A 335 -9.41 -6.05 -6.11
C THR A 335 -8.46 -6.94 -6.93
N HIS A 336 -7.23 -6.46 -7.06
CA HIS A 336 -6.17 -7.19 -7.72
C HIS A 336 -4.90 -6.91 -6.94
N ALA A 337 -4.27 -7.95 -6.44
CA ALA A 337 -3.05 -7.79 -5.63
C ALA A 337 -1.80 -8.01 -6.47
N LEU A 338 -0.84 -7.11 -6.29
CA LEU A 338 0.47 -7.22 -6.91
C LEU A 338 1.48 -7.48 -5.81
N LEU A 339 2.10 -8.67 -5.87
CA LEU A 339 2.96 -9.15 -4.78
C LEU A 339 4.37 -9.52 -5.28
N PRO A 340 5.23 -8.52 -5.44
CA PRO A 340 6.60 -8.77 -5.88
C PRO A 340 7.48 -9.29 -4.76
N TYR A 341 8.12 -10.44 -4.99
CA TYR A 341 9.01 -11.01 -4.00
C TYR A 341 10.39 -10.40 -4.18
N ASP A 342 10.46 -9.10 -3.92
CA ASP A 342 11.64 -8.30 -4.21
C ASP A 342 11.54 -6.98 -3.46
N GLN A 343 12.50 -6.75 -2.56
CA GLN A 343 12.54 -5.54 -1.74
C GLN A 343 12.78 -4.28 -2.59
N TYR A 344 13.60 -4.40 -3.63
CA TYR A 344 13.83 -3.27 -4.53
C TYR A 344 12.53 -2.85 -5.24
N MET A 345 11.65 -3.82 -5.48
CA MET A 345 10.33 -3.56 -6.05
C MET A 345 9.27 -3.10 -5.04
N HIS A 346 9.69 -2.54 -3.91
CA HIS A 346 8.76 -2.25 -2.83
C HIS A 346 7.73 -1.16 -3.17
N ARG A 347 7.97 -0.38 -4.23
CA ARG A 347 6.99 0.62 -4.68
C ARG A 347 6.27 0.26 -6.00
N PHE A 348 6.52 -0.95 -6.49
CA PHE A 348 5.88 -1.44 -7.72
C PHE A 348 4.36 -1.51 -7.63
N ALA A 349 3.85 -2.11 -6.56
CA ALA A 349 2.40 -2.18 -6.35
C ALA A 349 1.79 -0.77 -6.27
N ALA A 350 2.44 0.14 -5.54
CA ALA A 350 1.96 1.53 -5.43
C ALA A 350 1.92 2.22 -6.78
N TYR A 351 2.94 1.99 -7.60
CA TYR A 351 3.00 2.56 -8.95
C TYR A 351 1.81 2.14 -9.80
N PHE A 352 1.52 0.84 -9.84
CA PHE A 352 0.40 0.37 -10.65
C PHE A 352 -0.96 0.55 -10.00
N GLN A 353 -0.96 0.79 -8.69
CA GLN A 353 -2.17 1.25 -8.02
C GLN A 353 -2.59 2.57 -8.70
N GLN A 354 -1.63 3.46 -8.94
CA GLN A 354 -1.92 4.66 -9.71
C GLN A 354 -2.21 4.36 -11.19
N GLY A 355 -1.30 3.63 -11.84
CA GLY A 355 -1.38 3.39 -13.27
C GLY A 355 -2.69 2.72 -13.67
N ASP A 356 -3.12 1.76 -12.86
CA ASP A 356 -4.33 0.99 -13.12
C ASP A 356 -5.57 1.79 -12.70
N MET A 357 -5.63 2.18 -11.44
CA MET A 357 -6.84 2.78 -10.88
C MET A 357 -7.17 4.15 -11.49
N GLU A 358 -6.14 4.96 -11.75
CA GLU A 358 -6.39 6.26 -12.37
C GLU A 358 -6.78 6.12 -13.85
N SER A 359 -6.28 5.07 -14.50
CA SER A 359 -6.63 4.83 -15.90
C SER A 359 -8.05 4.30 -16.02
N ASN A 360 -8.37 3.27 -15.22
CA ASN A 360 -9.60 2.52 -15.47
C ASN A 360 -10.70 2.67 -14.42
N GLY A 361 -10.47 3.54 -13.45
CA GLY A 361 -11.50 3.93 -12.49
C GLY A 361 -12.42 4.94 -13.15
N LYS A 362 -13.24 4.44 -14.07
CA LYS A 362 -14.07 5.28 -14.93
C LYS A 362 -15.47 4.69 -15.02
N TYR A 363 -16.47 5.53 -15.33
CA TYR A 363 -17.83 5.01 -15.50
C TYR A 363 -18.62 5.50 -16.72
N ILE A 364 -18.01 6.35 -17.55
CA ILE A 364 -18.63 6.78 -18.80
C ILE A 364 -17.91 6.15 -19.99
N THR A 365 -18.68 5.62 -20.94
CA THR A 365 -18.09 5.00 -22.14
C THR A 365 -17.94 5.97 -23.32
N LYS A 366 -17.26 5.49 -24.36
CA LYS A 366 -17.07 6.24 -25.59
C LYS A 366 -18.39 6.73 -26.22
N SER A 367 -19.46 5.96 -26.01
CA SER A 367 -20.78 6.29 -26.54
C SER A 367 -21.53 7.30 -25.64
N GLY A 368 -20.95 7.60 -24.49
CA GLY A 368 -21.56 8.51 -23.53
C GLY A 368 -22.45 7.78 -22.54
N ALA A 369 -22.52 6.46 -22.65
CA ALA A 369 -23.34 5.65 -21.74
C ALA A 369 -22.64 5.46 -20.41
N ARG A 370 -23.42 5.44 -19.34
CA ARG A 370 -22.90 5.01 -18.05
C ARG A 370 -22.76 3.50 -18.06
N VAL A 371 -21.60 2.99 -17.62
CA VAL A 371 -21.40 1.54 -17.54
C VAL A 371 -22.43 0.89 -16.62
N ASP A 372 -22.91 -0.28 -17.01
CA ASP A 372 -23.76 -1.09 -16.15
C ASP A 372 -23.02 -2.38 -15.77
N HIS A 373 -21.71 -2.23 -15.61
CA HIS A 373 -20.83 -3.32 -15.22
C HIS A 373 -19.63 -2.69 -14.53
N GLN A 374 -18.82 -3.54 -13.89
CA GLN A 374 -17.62 -3.13 -13.20
C GLN A 374 -16.54 -2.68 -14.18
N THR A 375 -15.76 -1.68 -13.77
CA THR A 375 -14.54 -1.33 -14.48
C THR A 375 -13.34 -1.62 -13.59
N GLY A 376 -12.34 -0.73 -13.58
CA GLY A 376 -11.07 -0.99 -12.94
C GLY A 376 -11.14 -1.50 -11.51
N PRO A 377 -10.26 -2.44 -11.14
CA PRO A 377 -10.25 -2.96 -9.78
C PRO A 377 -9.44 -2.06 -8.84
N ILE A 378 -9.57 -2.31 -7.54
CA ILE A 378 -8.71 -1.69 -6.55
C ILE A 378 -7.42 -2.51 -6.52
N VAL A 379 -6.31 -1.84 -6.80
CA VAL A 379 -5.01 -2.49 -6.90
C VAL A 379 -4.21 -2.17 -5.64
N TRP A 380 -3.57 -3.20 -5.09
CA TRP A 380 -2.88 -3.07 -3.81
C TRP A 380 -1.81 -4.15 -3.68
N GLY A 381 -0.97 -4.06 -2.64
CA GLY A 381 0.03 -5.08 -2.40
C GLY A 381 1.24 -4.58 -1.65
N GLU A 382 2.02 -5.53 -1.14
CA GLU A 382 3.29 -5.25 -0.47
C GLU A 382 4.22 -6.37 -0.90
N PRO A 383 5.53 -6.13 -0.88
CA PRO A 383 6.47 -7.19 -1.25
C PRO A 383 6.46 -8.40 -0.33
N GLY A 384 6.68 -9.57 -0.91
CA GLY A 384 6.90 -10.80 -0.16
C GLY A 384 8.35 -10.85 0.28
N THR A 385 8.66 -11.51 1.40
CA THR A 385 7.71 -12.36 2.13
C THR A 385 6.85 -11.65 3.16
N ASN A 386 7.15 -10.37 3.42
CA ASN A 386 6.46 -9.64 4.49
C ASN A 386 4.95 -9.78 4.47
N GLY A 387 4.36 -9.72 3.28
CA GLY A 387 2.92 -9.86 3.13
C GLY A 387 2.35 -11.11 3.76
N GLN A 388 3.13 -12.20 3.70
CA GLN A 388 2.75 -13.48 4.33
C GLN A 388 2.52 -13.34 5.83
N HIS A 389 3.18 -12.36 6.43
CA HIS A 389 3.07 -12.09 7.87
C HIS A 389 2.22 -10.86 8.14
N ALA A 390 1.57 -10.34 7.12
CA ALA A 390 0.74 -9.15 7.29
C ALA A 390 -0.74 -9.41 6.96
N PHE A 391 -1.01 -9.82 5.72
CA PHE A 391 -2.39 -9.91 5.26
C PHE A 391 -2.73 -11.19 4.50
N TYR A 392 -1.77 -12.09 4.32
CA TYR A 392 -2.05 -13.33 3.59
C TYR A 392 -3.05 -14.19 4.35
N GLN A 393 -3.16 -13.98 5.68
CA GLN A 393 -4.20 -14.64 6.47
C GLN A 393 -5.57 -14.50 5.79
N LEU A 394 -5.90 -13.28 5.38
CA LEU A 394 -7.17 -13.00 4.72
C LEU A 394 -7.25 -13.60 3.31
N ILE A 395 -6.15 -13.57 2.57
CA ILE A 395 -6.12 -14.16 1.23
C ILE A 395 -6.40 -15.67 1.30
N HIS A 396 -5.82 -16.33 2.31
CA HIS A 396 -5.98 -17.77 2.49
C HIS A 396 -7.30 -18.18 3.11
N GLN A 397 -7.76 -17.44 4.12
CA GLN A 397 -8.87 -17.88 4.96
C GLN A 397 -9.94 -16.82 5.22
N GLY A 398 -9.95 -15.77 4.41
CA GLY A 398 -11.00 -14.75 4.48
C GLY A 398 -12.20 -15.10 3.63
N THR A 399 -13.04 -14.11 3.37
CA THR A 399 -14.26 -14.35 2.62
C THR A 399 -14.25 -13.63 1.28
N LYS A 400 -13.06 -13.22 0.84
CA LYS A 400 -12.88 -12.47 -0.39
C LYS A 400 -12.09 -13.27 -1.41
N MET A 401 -12.49 -13.19 -2.68
CA MET A 401 -11.69 -13.72 -3.77
C MET A 401 -10.77 -12.61 -4.30
N ILE A 402 -9.47 -12.88 -4.32
CA ILE A 402 -8.48 -11.86 -4.63
C ILE A 402 -7.45 -12.38 -5.63
N PRO A 403 -7.63 -12.08 -6.92
CA PRO A 403 -6.60 -12.44 -7.90
C PRO A 403 -5.27 -11.80 -7.50
N CYS A 404 -4.20 -12.60 -7.45
CA CYS A 404 -2.87 -12.09 -7.10
C CYS A 404 -1.89 -12.37 -8.21
N ASP A 405 -1.05 -11.38 -8.51
CA ASP A 405 0.13 -11.60 -9.36
C ASP A 405 1.34 -11.65 -8.44
N PHE A 406 2.01 -12.81 -8.41
CA PHE A 406 3.25 -12.99 -7.69
C PHE A 406 4.40 -12.79 -8.69
N LEU A 407 5.36 -11.92 -8.34
CA LEU A 407 6.48 -11.60 -9.24
C LEU A 407 7.82 -11.85 -8.55
N ILE A 408 8.80 -12.38 -9.29
CA ILE A 408 10.15 -12.56 -8.72
C ILE A 408 11.24 -12.68 -9.79
N PRO A 409 12.42 -12.12 -9.53
CA PRO A 409 13.60 -12.45 -10.34
C PRO A 409 14.27 -13.74 -9.87
N VAL A 410 14.71 -14.56 -10.83
CA VAL A 410 15.44 -15.78 -10.53
C VAL A 410 16.78 -15.45 -9.87
N GLN A 411 17.47 -14.47 -10.44
CA GLN A 411 18.77 -14.03 -9.94
C GLN A 411 18.62 -12.80 -9.08
N THR A 412 19.22 -12.83 -7.90
CA THR A 412 19.20 -11.69 -6.98
C THR A 412 20.40 -10.77 -7.21
N GLN A 413 20.20 -9.49 -6.92
CA GLN A 413 21.28 -8.51 -6.95
C GLN A 413 22.24 -8.69 -5.78
N HIS A 414 21.81 -9.44 -4.77
CA HIS A 414 22.60 -9.63 -3.55
C HIS A 414 22.61 -11.10 -3.10
N PRO A 415 23.41 -11.92 -3.78
CA PRO A 415 23.46 -13.36 -3.50
C PRO A 415 24.30 -13.68 -2.26
N ILE A 416 23.91 -13.08 -1.13
CA ILE A 416 24.62 -13.26 0.13
C ILE A 416 24.46 -14.66 0.68
N ARG A 417 25.35 -15.03 1.60
CA ARG A 417 25.34 -16.37 2.21
C ARG A 417 25.22 -17.48 1.16
N LYS A 418 25.97 -17.33 0.07
CA LYS A 418 26.01 -18.33 -1.02
C LYS A 418 24.61 -18.61 -1.59
N GLY A 419 23.76 -17.59 -1.58
CA GLY A 419 22.43 -17.67 -2.14
C GLY A 419 21.34 -18.16 -1.20
N LEU A 420 21.66 -18.30 0.08
CA LEU A 420 20.71 -18.82 1.08
C LEU A 420 19.42 -18.01 1.19
N HIS A 421 19.56 -16.69 1.28
CA HIS A 421 18.39 -15.82 1.40
C HIS A 421 17.48 -15.95 0.18
N HIS A 422 18.08 -15.94 -1.00
CA HIS A 422 17.28 -16.00 -2.22
C HIS A 422 16.60 -17.36 -2.40
N LYS A 423 17.28 -18.43 -2.00
CA LYS A 423 16.69 -19.77 -1.97
C LYS A 423 15.41 -19.80 -1.14
N ILE A 424 15.48 -19.25 0.07
CA ILE A 424 14.32 -19.18 0.95
C ILE A 424 13.23 -18.29 0.36
N LEU A 425 13.63 -17.15 -0.21
CA LEU A 425 12.68 -16.26 -0.88
C LEU A 425 11.94 -16.97 -2.02
N LEU A 426 12.69 -17.66 -2.88
CA LEU A 426 12.10 -18.42 -3.97
C LEU A 426 11.16 -19.51 -3.45
N ALA A 427 11.61 -20.24 -2.43
CA ALA A 427 10.78 -21.30 -1.83
C ALA A 427 9.41 -20.78 -1.37
N ASN A 428 9.39 -19.60 -0.76
CA ASN A 428 8.16 -18.98 -0.30
C ASN A 428 7.27 -18.52 -1.47
N PHE A 429 7.89 -17.91 -2.46
CA PHE A 429 7.21 -17.46 -3.68
C PHE A 429 6.42 -18.61 -4.30
N LEU A 430 7.08 -19.77 -4.41
CA LEU A 430 6.50 -20.95 -5.03
C LEU A 430 5.45 -21.60 -4.14
N ALA A 431 5.77 -21.71 -2.85
CA ALA A 431 4.90 -22.37 -1.88
C ALA A 431 3.57 -21.65 -1.72
N GLN A 432 3.62 -20.32 -1.75
CA GLN A 432 2.42 -19.54 -1.51
C GLN A 432 1.36 -19.74 -2.58
N THR A 433 1.77 -19.73 -3.86
CA THR A 433 0.80 -19.94 -4.94
C THR A 433 0.33 -21.40 -4.96
N GLU A 434 1.23 -22.32 -4.61
CA GLU A 434 0.87 -23.72 -4.48
C GLU A 434 -0.18 -23.90 -3.38
N ALA A 435 0.05 -23.25 -2.23
CA ALA A 435 -0.86 -23.28 -1.09
C ALA A 435 -2.23 -22.68 -1.41
N LEU A 436 -2.22 -21.53 -2.10
CA LEU A 436 -3.46 -20.87 -2.49
C LEU A 436 -4.30 -21.73 -3.44
N MET A 437 -3.60 -22.42 -4.34
CA MET A 437 -4.22 -23.33 -5.29
C MET A 437 -4.79 -24.56 -4.59
N LYS A 438 -3.94 -25.24 -3.81
CA LYS A 438 -4.24 -26.57 -3.27
C LYS A 438 -5.17 -26.55 -2.06
N GLY A 439 -4.91 -25.62 -1.14
CA GLY A 439 -5.57 -25.61 0.15
C GLY A 439 -5.25 -26.86 0.95
N LYS A 440 -6.13 -27.18 1.90
CA LYS A 440 -5.97 -28.32 2.79
C LYS A 440 -7.35 -28.80 3.21
N LEU A 441 -7.71 -30.00 2.77
CA LEU A 441 -9.01 -30.59 3.02
C LEU A 441 -9.18 -30.97 4.50
N PRO A 442 -10.42 -30.95 5.01
CA PRO A 442 -10.70 -31.39 6.37
C PRO A 442 -9.99 -32.70 6.72
N GLU A 443 -10.06 -33.69 5.84
CA GLU A 443 -9.42 -34.98 6.09
C GLU A 443 -7.89 -34.89 6.16
N GLU A 444 -7.30 -33.96 5.40
CA GLU A 444 -5.86 -33.73 5.45
C GLU A 444 -5.46 -33.06 6.77
N ALA A 445 -6.25 -32.06 7.18
CA ALA A 445 -6.03 -31.39 8.45
C ALA A 445 -6.29 -32.33 9.64
N ARG A 446 -7.32 -33.16 9.52
CA ARG A 446 -7.64 -34.16 10.54
C ARG A 446 -6.46 -35.08 10.81
N LYS A 447 -5.86 -35.59 9.73
CA LYS A 447 -4.71 -36.49 9.83
C LYS A 447 -3.52 -35.81 10.49
N GLU A 448 -3.32 -34.53 10.15
CA GLU A 448 -2.24 -33.73 10.75
C GLU A 448 -2.43 -33.55 12.25
N LEU A 449 -3.67 -33.25 12.65
CA LEU A 449 -3.99 -33.07 14.06
C LEU A 449 -3.90 -34.38 14.84
N GLN A 450 -4.36 -35.47 14.22
CA GLN A 450 -4.22 -36.81 14.79
C GLN A 450 -2.75 -37.15 15.07
N ALA A 451 -1.90 -36.90 14.06
CA ALA A 451 -0.47 -37.17 14.17
C ALA A 451 0.23 -36.27 15.19
N ALA A 452 -0.31 -35.07 15.41
CA ALA A 452 0.27 -34.11 16.35
C ALA A 452 0.03 -34.47 17.82
N GLY A 453 -0.95 -35.36 18.06
CA GLY A 453 -1.24 -35.86 19.39
C GLY A 453 -2.47 -35.26 20.05
N LYS A 454 -3.31 -34.59 19.25
CA LYS A 454 -4.52 -33.95 19.78
C LYS A 454 -5.58 -34.98 20.17
N SER A 455 -6.20 -34.75 21.31
CA SER A 455 -7.31 -35.58 21.78
C SER A 455 -8.51 -35.39 20.85
N PRO A 456 -9.39 -36.41 20.76
CA PRO A 456 -10.62 -36.29 19.96
C PRO A 456 -11.37 -34.97 20.19
N GLU A 457 -11.34 -34.45 21.42
CA GLU A 457 -12.00 -33.20 21.77
C GLU A 457 -11.26 -31.98 21.21
N ASP A 458 -9.96 -31.92 21.47
CA ASP A 458 -9.12 -30.82 21.00
C ASP A 458 -9.03 -30.78 19.48
N LEU A 459 -8.96 -31.97 18.87
CA LEU A 459 -8.95 -32.12 17.42
C LEU A 459 -10.22 -31.53 16.81
N GLU A 460 -11.38 -31.98 17.30
CA GLU A 460 -12.68 -31.55 16.80
C GLU A 460 -12.88 -30.04 16.93
N LYS A 461 -12.39 -29.48 18.03
CA LYS A 461 -12.49 -28.03 18.29
C LYS A 461 -11.62 -27.23 17.34
N LEU A 462 -10.45 -27.76 17.01
CA LEU A 462 -9.46 -27.06 16.19
C LEU A 462 -9.67 -27.28 14.70
N LEU A 463 -10.21 -28.44 14.34
CA LEU A 463 -10.28 -28.88 12.94
C LEU A 463 -10.72 -27.81 11.92
N PRO A 464 -11.92 -27.24 12.05
CA PRO A 464 -12.44 -26.33 11.03
C PRO A 464 -11.51 -25.13 10.79
N HIS A 465 -10.85 -24.66 11.85
CA HIS A 465 -9.92 -23.54 11.80
C HIS A 465 -8.65 -23.84 10.99
N LYS A 466 -8.33 -25.13 10.86
CA LYS A 466 -7.10 -25.56 10.18
C LYS A 466 -7.32 -25.90 8.71
N VAL A 467 -8.57 -25.79 8.26
CA VAL A 467 -8.95 -26.12 6.90
C VAL A 467 -8.70 -24.93 5.98
N PHE A 468 -8.06 -25.19 4.83
CA PHE A 468 -7.84 -24.19 3.79
C PHE A 468 -8.65 -24.61 2.58
N GLU A 469 -9.64 -23.79 2.21
CA GLU A 469 -10.51 -24.13 1.09
C GLU A 469 -9.79 -24.09 -0.25
N GLY A 470 -8.69 -23.33 -0.32
CA GLY A 470 -7.93 -23.23 -1.55
C GLY A 470 -8.74 -22.71 -2.73
N ASN A 471 -8.40 -23.21 -3.91
CA ASN A 471 -9.01 -22.74 -5.17
C ASN A 471 -8.84 -21.24 -5.39
N ARG A 472 -7.75 -20.70 -4.86
CA ARG A 472 -7.47 -19.27 -4.95
C ARG A 472 -6.46 -19.02 -6.07
N PRO A 473 -6.91 -18.36 -7.15
CA PRO A 473 -6.13 -18.25 -8.37
C PRO A 473 -5.03 -17.20 -8.33
N THR A 474 -3.89 -17.52 -8.95
CA THR A 474 -2.75 -16.60 -9.03
C THR A 474 -2.11 -16.62 -10.41
N ASN A 475 -1.40 -15.54 -10.72
CA ASN A 475 -0.42 -15.53 -11.78
C ASN A 475 0.96 -15.58 -11.13
N SER A 476 1.89 -16.30 -11.74
CA SER A 476 3.29 -16.22 -11.34
C SER A 476 4.10 -15.67 -12.50
N ILE A 477 4.79 -14.56 -12.24
CA ILE A 477 5.58 -13.89 -13.26
C ILE A 477 7.03 -13.91 -12.81
N VAL A 478 7.82 -14.72 -13.50
CA VAL A 478 9.20 -14.97 -13.11
C VAL A 478 10.12 -14.52 -14.25
N PHE A 479 11.20 -13.83 -13.90
CA PHE A 479 12.10 -13.26 -14.90
C PHE A 479 13.54 -13.49 -14.49
N THR A 480 14.42 -13.58 -15.48
CA THR A 480 15.81 -13.98 -15.25
C THR A 480 16.49 -13.14 -14.15
N LYS A 481 16.34 -11.82 -14.25
CA LYS A 481 16.93 -10.89 -13.29
C LYS A 481 16.22 -9.55 -13.45
N LEU A 482 16.12 -8.78 -12.38
CA LEU A 482 15.52 -7.44 -12.49
C LEU A 482 16.57 -6.42 -12.91
N THR A 483 16.86 -6.42 -14.21
CA THR A 483 17.75 -5.46 -14.83
C THR A 483 16.90 -4.27 -15.27
N PRO A 484 17.53 -3.15 -15.67
CA PRO A 484 16.78 -2.05 -16.29
C PRO A 484 15.92 -2.51 -17.47
N PHE A 485 16.49 -3.31 -18.36
CA PHE A 485 15.75 -3.82 -19.52
C PHE A 485 14.52 -4.61 -19.10
N ILE A 486 14.69 -5.58 -18.20
CA ILE A 486 13.57 -6.42 -17.79
C ILE A 486 12.50 -5.61 -17.05
N LEU A 487 12.93 -4.69 -16.20
CA LEU A 487 11.97 -3.82 -15.50
C LEU A 487 11.13 -3.03 -16.50
N GLY A 488 11.80 -2.47 -17.51
CA GLY A 488 11.11 -1.73 -18.58
C GLY A 488 10.06 -2.59 -19.28
N ALA A 489 10.42 -3.84 -19.58
CA ALA A 489 9.48 -4.78 -20.19
C ALA A 489 8.29 -5.07 -19.29
N LEU A 490 8.55 -5.26 -17.99
CA LEU A 490 7.47 -5.56 -17.05
C LEU A 490 6.50 -4.39 -16.88
N ILE A 491 7.03 -3.16 -16.80
CA ILE A 491 6.17 -1.99 -16.65
C ILE A 491 5.29 -1.85 -17.90
N ALA A 492 5.91 -1.96 -19.07
CA ALA A 492 5.16 -1.85 -20.33
C ALA A 492 4.09 -2.94 -20.45
N MET A 493 4.41 -4.15 -19.97
CA MET A 493 3.44 -5.25 -20.00
C MET A 493 2.14 -4.88 -19.25
N TYR A 494 2.29 -4.34 -18.05
CA TYR A 494 1.13 -3.90 -17.27
C TYR A 494 0.45 -2.67 -17.88
N GLU A 495 1.23 -1.76 -18.46
CA GLU A 495 0.62 -0.63 -19.18
C GLU A 495 -0.34 -1.15 -20.24
N HIS A 496 0.11 -2.15 -21.00
CA HIS A 496 -0.71 -2.69 -22.07
C HIS A 496 -1.89 -3.54 -21.58
N LYS A 497 -1.72 -4.22 -20.45
CA LYS A 497 -2.84 -4.92 -19.81
C LYS A 497 -3.94 -3.91 -19.51
N ILE A 498 -3.54 -2.78 -18.91
CA ILE A 498 -4.48 -1.70 -18.55
C ILE A 498 -5.17 -1.18 -19.81
N PHE A 499 -4.40 -0.97 -20.87
CA PHE A 499 -4.95 -0.53 -22.15
C PHE A 499 -6.03 -1.48 -22.67
N VAL A 500 -5.70 -2.77 -22.73
CA VAL A 500 -6.65 -3.76 -23.23
C VAL A 500 -7.94 -3.78 -22.42
N GLN A 501 -7.84 -3.74 -21.09
CA GLN A 501 -9.04 -3.75 -20.27
C GLN A 501 -9.91 -2.52 -20.53
N GLY A 502 -9.27 -1.36 -20.66
CA GLY A 502 -9.95 -0.13 -20.99
C GLY A 502 -10.73 -0.20 -22.30
N ILE A 503 -10.10 -0.74 -23.35
CA ILE A 503 -10.77 -0.88 -24.65
C ILE A 503 -11.98 -1.80 -24.52
N MET A 504 -11.81 -2.90 -23.80
CA MET A 504 -12.88 -3.86 -23.64
C MET A 504 -14.08 -3.30 -22.87
N TRP A 505 -13.80 -2.43 -21.89
CA TRP A 505 -14.85 -1.73 -21.15
C TRP A 505 -15.40 -0.50 -21.88
N ASP A 506 -14.78 -0.14 -23.00
CA ASP A 506 -15.20 1.01 -23.82
C ASP A 506 -15.02 2.36 -23.11
N ILE A 507 -14.03 2.42 -22.21
CA ILE A 507 -13.75 3.65 -21.47
C ILE A 507 -12.46 4.28 -21.96
N ASN A 508 -12.22 5.51 -21.55
CA ASN A 508 -10.98 6.21 -21.86
C ASN A 508 -9.96 5.97 -20.74
N SER A 509 -8.95 5.15 -21.01
CA SER A 509 -7.93 4.87 -20.01
C SER A 509 -7.00 6.07 -19.77
N PHE A 510 -7.15 7.12 -20.57
CA PHE A 510 -6.10 8.12 -20.67
C PHE A 510 -6.45 9.54 -20.21
N ASP A 511 -7.70 9.76 -19.81
CA ASP A 511 -8.06 11.01 -19.13
C ASP A 511 -8.13 10.79 -17.61
N GLN A 512 -8.46 11.84 -16.87
CA GLN A 512 -8.59 11.76 -15.42
C GLN A 512 -9.42 12.92 -14.88
N TRP A 513 -10.68 12.99 -15.29
CA TRP A 513 -11.54 14.11 -14.89
C TRP A 513 -11.83 14.17 -13.39
N GLY A 514 -11.70 13.04 -12.70
CA GLY A 514 -11.79 13.01 -11.25
C GLY A 514 -10.59 13.65 -10.58
N VAL A 515 -9.43 13.55 -11.24
CA VAL A 515 -8.18 14.13 -10.76
C VAL A 515 -8.15 15.61 -11.13
N GLU A 516 -8.70 15.93 -12.30
CA GLU A 516 -8.89 17.32 -12.71
C GLU A 516 -9.85 18.04 -11.76
N LEU A 517 -10.90 17.35 -11.32
CA LEU A 517 -11.84 17.92 -10.36
C LEU A 517 -11.08 18.27 -9.10
N GLY A 518 -10.25 17.33 -8.63
CA GLY A 518 -9.50 17.47 -7.40
C GLY A 518 -8.75 18.78 -7.35
N LYS A 519 -7.96 19.02 -8.40
CA LYS A 519 -7.14 20.22 -8.55
C LYS A 519 -7.95 21.52 -8.58
N GLN A 520 -9.28 21.40 -8.52
CA GLN A 520 -10.18 22.57 -8.54
C GLN A 520 -10.85 22.81 -7.18
N LEU A 521 -10.65 21.91 -6.23
CA LEU A 521 -11.49 21.85 -5.01
C LEU A 521 -11.03 22.63 -3.78
N ALA A 522 -9.74 22.62 -3.51
CA ALA A 522 -9.25 23.14 -2.24
C ALA A 522 -9.20 24.67 -2.22
N LYS A 523 -9.22 25.28 -3.41
CA LYS A 523 -9.12 26.74 -3.54
C LYS A 523 -10.19 27.50 -2.77
N LYS A 524 -11.39 26.90 -2.69
CA LYS A 524 -12.51 27.53 -1.99
C LYS A 524 -12.36 27.50 -0.47
N ILE A 525 -11.73 26.46 0.05
CA ILE A 525 -11.60 26.31 1.51
C ILE A 525 -10.42 27.08 2.07
N GLU A 526 -9.40 27.27 1.23
CA GLU A 526 -8.16 27.92 1.66
C GLU A 526 -8.33 29.24 2.41
N PRO A 527 -8.99 30.25 1.82
CA PRO A 527 -9.17 31.55 2.50
C PRO A 527 -10.03 31.46 3.77
N GLU A 528 -10.88 30.45 3.84
CA GLU A 528 -11.78 30.28 4.98
C GLU A 528 -11.06 29.78 6.23
N LEU A 529 -9.86 29.25 6.07
CA LEU A 529 -9.05 28.80 7.19
C LEU A 529 -8.35 29.98 7.89
N GLU A 530 -8.18 31.08 7.17
CA GLU A 530 -7.56 32.28 7.73
C GLU A 530 -8.53 32.99 8.66
N GLY A 531 -8.01 33.46 9.80
CA GLY A 531 -8.79 34.20 10.78
C GLY A 531 -9.55 33.29 11.71
N SER A 532 -10.12 33.90 12.76
CA SER A 532 -10.80 33.16 13.82
C SER A 532 -12.30 32.99 13.57
N SER A 533 -12.81 33.58 12.48
CA SER A 533 -14.24 33.60 12.20
C SER A 533 -14.83 32.22 11.89
N ALA A 534 -16.06 32.00 12.34
CA ALA A 534 -16.77 30.75 12.08
C ALA A 534 -17.20 30.64 10.63
N VAL A 535 -17.08 29.45 10.07
CA VAL A 535 -17.48 29.18 8.68
C VAL A 535 -18.82 28.46 8.68
N THR A 536 -19.78 29.01 7.96
CA THR A 536 -21.13 28.46 7.88
C THR A 536 -21.54 28.19 6.44
N SER A 537 -20.60 28.33 5.51
CA SER A 537 -20.88 28.30 4.07
C SER A 537 -21.05 26.89 3.47
N HIS A 538 -20.56 25.87 4.17
CA HIS A 538 -20.63 24.51 3.65
C HIS A 538 -21.69 23.68 4.38
N ASP A 539 -21.71 22.38 4.10
CA ASP A 539 -22.48 21.42 4.89
C ASP A 539 -21.95 21.44 6.32
N SER A 540 -22.73 20.94 7.27
CA SER A 540 -22.35 21.07 8.68
C SER A 540 -21.09 20.29 9.08
N SER A 541 -20.78 19.23 8.35
CA SER A 541 -19.54 18.48 8.61
C SER A 541 -18.31 19.31 8.25
N THR A 542 -18.24 19.80 7.00
CA THR A 542 -17.16 20.68 6.59
C THR A 542 -17.02 21.88 7.53
N ASN A 543 -18.15 22.52 7.84
CA ASN A 543 -18.20 23.60 8.81
C ASN A 543 -17.65 23.19 10.18
N GLY A 544 -18.13 22.06 10.69
CA GLY A 544 -17.72 21.57 11.99
C GLY A 544 -16.25 21.22 12.07
N LEU A 545 -15.73 20.63 10.99
CA LEU A 545 -14.32 20.27 10.91
C LEU A 545 -13.43 21.53 10.89
N ILE A 546 -13.86 22.52 10.12
CA ILE A 546 -13.17 23.81 10.11
C ILE A 546 -13.17 24.46 11.51
N SER A 547 -14.31 24.40 12.20
CA SER A 547 -14.39 24.94 13.56
C SER A 547 -13.42 24.26 14.52
N PHE A 548 -13.29 22.94 14.38
CA PHE A 548 -12.38 22.15 15.20
C PHE A 548 -10.94 22.57 14.93
N ILE A 549 -10.60 22.71 13.64
CA ILE A 549 -9.27 23.19 13.26
C ILE A 549 -8.96 24.55 13.90
N LYS A 550 -9.91 25.47 13.83
CA LYS A 550 -9.70 26.81 14.38
C LYS A 550 -9.57 26.79 15.91
N GLN A 551 -10.37 25.95 16.57
CA GLN A 551 -10.34 25.79 18.02
C GLN A 551 -9.04 25.18 18.54
N GLN A 552 -8.47 24.28 17.75
CA GLN A 552 -7.39 23.42 18.22
C GLN A 552 -5.98 23.84 17.78
N ARG A 553 -5.90 24.78 16.84
CA ARG A 553 -4.59 25.09 16.24
C ARG A 553 -3.63 25.90 17.11
N ASP A 554 -4.15 26.56 18.14
CA ASP A 554 -3.30 27.35 19.04
C ASP A 554 -2.97 26.64 20.36
N THR A 555 -3.53 25.44 20.57
CA THR A 555 -3.35 24.68 21.81
C THR A 555 -1.91 24.19 21.95
N LYS A 556 -1.35 24.35 23.15
CA LYS A 556 0.04 23.96 23.41
C LYS A 556 0.15 22.54 23.95
N LEU A 557 0.88 21.70 23.22
CA LEU A 557 1.18 20.33 23.65
C LEU A 557 2.67 20.03 23.53
N MET B 1 -25.67 -21.71 8.44
CA MET B 1 -25.89 -20.37 9.06
C MET B 1 -24.96 -20.17 10.25
N ALA B 2 -24.74 -18.90 10.58
CA ALA B 2 -23.78 -18.52 11.61
C ALA B 2 -24.45 -17.58 12.60
N ALA B 3 -23.77 -17.26 13.69
CA ALA B 3 -24.34 -16.44 14.75
C ALA B 3 -24.87 -15.08 14.25
N LEU B 4 -24.08 -14.39 13.43
CA LEU B 4 -24.49 -13.07 12.96
C LEU B 4 -25.76 -13.10 12.13
N THR B 5 -25.81 -14.00 11.17
CA THR B 5 -26.95 -14.06 10.24
C THR B 5 -28.22 -14.61 10.89
N ARG B 6 -28.06 -15.35 11.98
CA ARG B 6 -29.19 -15.86 12.78
C ARG B 6 -29.68 -14.84 13.80
N ASN B 7 -28.96 -13.74 13.94
CA ASN B 7 -29.31 -12.70 14.90
C ASN B 7 -30.44 -11.80 14.35
N PRO B 8 -31.52 -11.65 15.11
CA PRO B 8 -32.68 -10.86 14.66
C PRO B 8 -32.40 -9.38 14.45
N GLN B 9 -31.52 -8.79 15.24
CA GLN B 9 -31.12 -7.39 15.02
C GLN B 9 -30.36 -7.25 13.69
N PHE B 10 -29.57 -8.25 13.33
CA PHE B 10 -28.91 -8.23 12.02
C PHE B 10 -29.92 -8.38 10.88
N GLN B 11 -30.89 -9.28 11.10
CA GLN B 11 -31.92 -9.53 10.10
C GLN B 11 -32.76 -8.27 9.84
N LYS B 12 -33.08 -7.55 10.91
CA LYS B 12 -33.81 -6.28 10.82
C LYS B 12 -33.00 -5.24 10.02
N LEU B 13 -31.71 -5.14 10.36
CA LEU B 13 -30.81 -4.21 9.71
C LEU B 13 -30.72 -4.46 8.20
N LEU B 14 -30.51 -5.73 7.84
CA LEU B 14 -30.42 -6.13 6.44
C LEU B 14 -31.73 -5.86 5.69
N GLU B 15 -32.86 -6.21 6.30
CA GLU B 15 -34.16 -5.93 5.69
C GLU B 15 -34.39 -4.42 5.51
N TRP B 16 -33.99 -3.63 6.52
CA TRP B 16 -34.09 -2.18 6.42
C TRP B 16 -33.26 -1.66 5.23
N HIS B 17 -32.03 -2.15 5.12
CA HIS B 17 -31.16 -1.80 4.01
C HIS B 17 -31.80 -2.11 2.64
N ARG B 18 -32.34 -3.32 2.51
CA ARG B 18 -33.02 -3.74 1.28
C ARG B 18 -34.16 -2.78 0.90
N ALA B 19 -34.98 -2.44 1.89
CA ALA B 19 -36.16 -1.61 1.66
C ALA B 19 -35.85 -0.12 1.49
N ASN B 20 -34.80 0.36 2.16
CA ASN B 20 -34.63 1.80 2.37
C ASN B 20 -33.31 2.45 1.93
N SER B 21 -32.27 1.66 1.72
CA SER B 21 -30.93 2.22 1.48
C SER B 21 -30.84 3.11 0.25
N ALA B 22 -31.66 2.82 -0.77
CA ALA B 22 -31.76 3.67 -1.96
C ALA B 22 -32.28 5.07 -1.65
N ASN B 23 -32.92 5.23 -0.49
CA ASN B 23 -33.44 6.54 -0.07
C ASN B 23 -32.38 7.37 0.66
N LEU B 24 -31.24 6.75 0.97
CA LEU B 24 -30.16 7.43 1.67
C LEU B 24 -29.25 8.16 0.69
N LYS B 25 -29.25 9.48 0.79
CA LYS B 25 -28.38 10.33 -0.02
C LYS B 25 -27.74 11.35 0.90
N LEU B 26 -26.41 11.40 0.91
CA LEU B 26 -25.67 12.26 1.84
C LEU B 26 -26.09 13.73 1.75
N ARG B 27 -26.20 14.24 0.52
CA ARG B 27 -26.59 15.62 0.28
C ARG B 27 -27.91 15.96 0.98
N GLU B 28 -28.88 15.08 0.84
CA GLU B 28 -30.21 15.27 1.41
C GLU B 28 -30.22 15.13 2.93
N LEU B 29 -29.40 14.20 3.43
CA LEU B 29 -29.30 13.98 4.87
C LEU B 29 -28.82 15.23 5.60
N PHE B 30 -27.84 15.92 5.01
CA PHE B 30 -27.32 17.16 5.58
C PHE B 30 -28.29 18.32 5.42
N GLU B 31 -28.95 18.38 4.27
CA GLU B 31 -29.93 19.43 3.98
C GLU B 31 -31.11 19.39 4.95
N ALA B 32 -31.51 18.18 5.34
CA ALA B 32 -32.69 17.96 6.17
C ALA B 32 -32.45 18.22 7.66
N ASP B 33 -31.18 18.28 8.06
CA ASP B 33 -30.81 18.27 9.47
C ASP B 33 -29.54 19.09 9.74
N PRO B 34 -29.67 20.36 10.13
CA PRO B 34 -28.50 21.21 10.38
C PRO B 34 -27.67 20.75 11.58
N GLU B 35 -28.26 19.92 12.41
CA GLU B 35 -27.58 19.35 13.58
C GLU B 35 -26.83 18.05 13.24
N ARG B 36 -26.75 17.70 11.96
CA ARG B 36 -26.19 16.41 11.56
C ARG B 36 -24.74 16.20 12.05
N PHE B 37 -23.85 17.14 11.76
CA PHE B 37 -22.48 17.05 12.28
C PHE B 37 -22.49 16.86 13.80
N ASN B 38 -23.26 17.69 14.49
CA ASN B 38 -23.35 17.64 15.95
C ASN B 38 -23.78 16.26 16.48
N ASN B 39 -24.75 15.65 15.81
CA ASN B 39 -25.32 14.37 16.24
C ASN B 39 -24.53 13.14 15.74
N PHE B 40 -23.67 13.34 14.75
CA PHE B 40 -22.94 12.23 14.13
C PHE B 40 -21.41 12.44 14.17
N SER B 41 -20.94 12.93 15.31
CA SER B 41 -19.52 13.11 15.55
C SER B 41 -19.23 13.05 17.05
N LEU B 42 -17.99 12.72 17.38
CA LEU B 42 -17.55 12.65 18.76
C LEU B 42 -16.30 13.49 18.91
N ASN B 43 -16.37 14.50 19.75
CA ASN B 43 -15.22 15.33 20.08
C ASN B 43 -14.63 14.88 21.41
N LEU B 44 -13.61 14.04 21.32
CA LEU B 44 -12.99 13.44 22.51
C LEU B 44 -11.91 14.34 23.08
N ASN B 45 -12.06 14.70 24.35
CA ASN B 45 -11.01 15.43 25.07
C ASN B 45 -10.20 14.48 25.94
N THR B 46 -8.94 14.25 25.54
CA THR B 46 -8.07 13.32 26.26
C THR B 46 -7.27 13.97 27.39
N ASN B 47 -7.43 15.29 27.53
CA ASN B 47 -6.58 16.14 28.40
C ASN B 47 -5.16 16.32 27.86
N HIS B 48 -4.89 15.70 26.70
CA HIS B 48 -3.61 15.82 26.03
C HIS B 48 -3.83 16.02 24.53
N GLY B 49 -4.89 16.74 24.20
CA GLY B 49 -5.31 16.96 22.82
C GLY B 49 -6.70 16.39 22.59
N HIS B 50 -7.36 16.87 21.55
CA HIS B 50 -8.67 16.37 21.19
C HIS B 50 -8.58 15.45 19.98
N ILE B 51 -9.46 14.46 19.94
CA ILE B 51 -9.64 13.63 18.76
C ILE B 51 -11.11 13.76 18.34
N LEU B 52 -11.33 14.36 17.18
CA LEU B 52 -12.66 14.48 16.61
C LEU B 52 -12.88 13.32 15.64
N VAL B 53 -13.88 12.50 15.95
CA VAL B 53 -14.28 11.41 15.07
C VAL B 53 -15.58 11.85 14.42
N ASP B 54 -15.47 12.35 13.20
CA ASP B 54 -16.62 12.85 12.46
C ASP B 54 -17.09 11.77 11.49
N TYR B 55 -18.20 11.12 11.86
CA TYR B 55 -18.77 10.08 11.00
C TYR B 55 -20.06 10.53 10.32
N SER B 56 -20.25 11.84 10.19
CA SER B 56 -21.50 12.37 9.65
C SER B 56 -21.65 12.20 8.14
N LYS B 57 -20.53 12.13 7.42
CA LYS B 57 -20.58 11.93 5.98
C LYS B 57 -20.75 10.46 5.63
N ASN B 58 -21.54 9.74 6.42
CA ASN B 58 -21.84 8.35 6.18
C ASN B 58 -23.29 8.14 5.82
N LEU B 59 -23.56 7.05 5.10
CA LEU B 59 -24.90 6.74 4.62
C LEU B 59 -25.71 6.10 5.73
N VAL B 60 -25.96 6.89 6.78
CA VAL B 60 -26.69 6.43 7.96
C VAL B 60 -27.65 7.51 8.47
N SER B 61 -28.79 7.07 8.99
CA SER B 61 -29.70 7.95 9.70
C SER B 61 -29.62 7.61 11.18
N LYS B 62 -30.30 8.40 12.01
CA LYS B 62 -30.47 8.08 13.43
C LYS B 62 -30.96 6.63 13.63
N GLU B 63 -31.96 6.24 12.84
CA GLU B 63 -32.54 4.89 12.92
C GLU B 63 -31.49 3.80 12.63
N VAL B 64 -30.66 4.03 11.60
CA VAL B 64 -29.62 3.05 11.25
C VAL B 64 -28.59 2.88 12.37
N MET B 65 -28.17 3.99 12.95
CA MET B 65 -27.20 3.93 14.05
C MET B 65 -27.79 3.21 15.26
N GLN B 66 -29.07 3.47 15.54
CA GLN B 66 -29.77 2.76 16.62
C GLN B 66 -29.79 1.25 16.38
N MET B 67 -30.12 0.84 15.15
CA MET B 67 -30.14 -0.58 14.81
C MET B 67 -28.74 -1.20 14.93
N LEU B 68 -27.73 -0.45 14.52
CA LEU B 68 -26.35 -0.92 14.58
C LEU B 68 -25.89 -1.13 16.03
N VAL B 69 -26.18 -0.15 16.88
CA VAL B 69 -25.87 -0.24 18.32
C VAL B 69 -26.59 -1.42 18.98
N GLU B 70 -27.85 -1.61 18.63
CA GLU B 70 -28.63 -2.73 19.17
C GLU B 70 -28.01 -4.06 18.77
N LEU B 71 -27.48 -4.13 17.55
CA LEU B 71 -26.81 -5.32 17.07
C LEU B 71 -25.50 -5.58 17.82
N ALA B 72 -24.71 -4.53 18.05
CA ALA B 72 -23.50 -4.67 18.84
C ALA B 72 -23.85 -5.27 20.20
N LYS B 73 -24.88 -4.74 20.84
CA LYS B 73 -25.33 -5.24 22.15
C LYS B 73 -25.76 -6.70 22.08
N SER B 74 -26.59 -7.04 21.10
CA SER B 74 -27.13 -8.40 21.00
C SER B 74 -26.12 -9.41 20.43
N ARG B 75 -24.95 -8.93 20.02
CA ARG B 75 -23.86 -9.82 19.64
C ARG B 75 -22.86 -10.02 20.78
N GLY B 76 -23.14 -9.38 21.90
CA GLY B 76 -22.38 -9.58 23.12
C GLY B 76 -21.13 -8.74 23.25
N VAL B 77 -21.07 -7.62 22.52
CA VAL B 77 -19.85 -6.80 22.48
C VAL B 77 -19.41 -6.33 23.87
N GLU B 78 -20.35 -5.86 24.68
CA GLU B 78 -20.01 -5.34 26.00
C GLU B 78 -19.38 -6.40 26.90
N ALA B 79 -19.99 -7.59 26.93
CA ALA B 79 -19.49 -8.70 27.73
C ALA B 79 -18.14 -9.20 27.20
N ALA B 80 -18.03 -9.30 25.88
CA ALA B 80 -16.80 -9.74 25.25
C ALA B 80 -15.63 -8.81 25.57
N ARG B 81 -15.90 -7.50 25.53
CA ARG B 81 -14.92 -6.47 25.87
C ARG B 81 -14.43 -6.67 27.30
N ASP B 82 -15.37 -6.76 28.23
CA ASP B 82 -15.03 -6.96 29.64
C ASP B 82 -14.20 -8.22 29.85
N ASN B 83 -14.51 -9.28 29.10
CA ASN B 83 -13.74 -10.54 29.17
C ASN B 83 -12.30 -10.36 28.69
N MET B 84 -12.11 -9.58 27.63
CA MET B 84 -10.74 -9.27 27.19
C MET B 84 -9.96 -8.57 28.30
N PHE B 85 -10.56 -7.51 28.85
CA PHE B 85 -9.91 -6.65 29.83
C PHE B 85 -9.61 -7.39 31.14
N SER B 86 -10.38 -8.43 31.44
CA SER B 86 -10.22 -9.13 32.71
C SER B 86 -9.28 -10.33 32.63
N GLY B 87 -8.80 -10.63 31.43
CA GLY B 87 -7.86 -11.72 31.24
C GLY B 87 -8.46 -13.07 30.91
N SER B 88 -9.74 -13.08 30.54
CA SER B 88 -10.37 -14.32 30.07
C SER B 88 -9.68 -14.81 28.80
N LYS B 89 -9.65 -16.12 28.61
CA LYS B 89 -8.91 -16.67 27.48
C LYS B 89 -9.73 -16.64 26.19
N ILE B 90 -10.00 -15.42 25.73
CA ILE B 90 -10.91 -15.20 24.59
C ILE B 90 -10.32 -15.60 23.24
N ASN B 91 -9.00 -15.78 23.18
CA ASN B 91 -8.36 -16.42 22.04
C ASN B 91 -8.58 -17.92 22.19
N TYR B 92 -9.77 -18.37 21.82
CA TYR B 92 -10.24 -19.72 22.15
C TYR B 92 -9.56 -20.86 21.39
N THR B 93 -9.08 -20.61 20.18
CA THR B 93 -8.42 -21.67 19.42
C THR B 93 -7.04 -22.01 19.95
N GLU B 94 -6.38 -21.02 20.57
CA GLU B 94 -5.05 -21.22 21.14
C GLU B 94 -5.10 -21.29 22.66
N ASP B 95 -6.29 -21.06 23.22
CA ASP B 95 -6.52 -20.99 24.67
C ASP B 95 -5.58 -20.01 25.36
N ARG B 96 -5.60 -18.77 24.88
CA ARG B 96 -4.77 -17.71 25.45
C ARG B 96 -5.63 -16.51 25.84
N ALA B 97 -5.17 -15.77 26.84
CA ALA B 97 -5.71 -14.44 27.11
C ALA B 97 -5.30 -13.51 25.97
N VAL B 98 -5.93 -12.34 25.93
CA VAL B 98 -5.65 -11.33 24.90
C VAL B 98 -5.47 -10.03 25.68
N LEU B 99 -4.21 -9.66 25.92
CA LEU B 99 -3.94 -8.64 26.92
C LEU B 99 -2.94 -7.56 26.53
N HIS B 100 -3.02 -7.09 25.28
CA HIS B 100 -2.27 -5.89 24.92
C HIS B 100 -2.70 -4.71 25.79
N VAL B 101 -3.94 -4.72 26.27
CA VAL B 101 -4.39 -3.65 27.18
C VAL B 101 -3.61 -3.63 28.51
N ALA B 102 -3.13 -4.80 28.95
CA ALA B 102 -2.29 -4.88 30.16
C ALA B 102 -0.92 -4.23 29.97
N LEU B 103 -0.37 -4.33 28.76
CA LEU B 103 0.94 -3.74 28.47
C LEU B 103 0.99 -2.24 28.73
N ARG B 104 -0.14 -1.57 28.52
CA ARG B 104 -0.25 -0.12 28.66
C ARG B 104 -1.21 0.27 29.79
N ASN B 105 -1.41 -0.65 30.75
CA ASN B 105 -2.28 -0.41 31.88
C ASN B 105 -1.60 0.50 32.91
N ARG B 106 -1.62 1.80 32.64
CA ARG B 106 -0.93 2.80 33.45
C ARG B 106 -1.47 2.93 34.88
N SER B 107 -2.75 2.57 35.06
CA SER B 107 -3.38 2.61 36.39
C SER B 107 -2.80 1.55 37.32
N ASN B 108 -2.23 0.49 36.72
CA ASN B 108 -1.67 -0.65 37.44
C ASN B 108 -2.69 -1.46 38.25
N THR B 109 -3.96 -1.26 37.97
CA THR B 109 -5.01 -2.11 38.53
C THR B 109 -4.75 -3.55 38.10
N PRO B 110 -4.82 -4.48 39.05
CA PRO B 110 -4.50 -5.89 38.77
C PRO B 110 -5.29 -6.46 37.60
N ILE B 111 -4.58 -7.18 36.71
CA ILE B 111 -5.19 -7.96 35.66
C ILE B 111 -4.64 -9.37 35.76
N LYS B 112 -5.51 -10.32 36.08
CA LYS B 112 -5.11 -11.68 36.37
C LYS B 112 -5.23 -12.63 35.19
N VAL B 113 -4.19 -13.44 35.01
CA VAL B 113 -4.23 -14.60 34.13
C VAL B 113 -3.86 -15.80 34.98
N ASP B 114 -4.74 -16.80 34.99
CA ASP B 114 -4.59 -17.98 35.84
C ASP B 114 -4.44 -17.59 37.31
N GLY B 115 -5.23 -16.61 37.74
CA GLY B 115 -5.23 -16.14 39.11
C GLY B 115 -4.08 -15.24 39.53
N LYS B 116 -3.14 -15.01 38.61
CA LYS B 116 -1.94 -14.22 38.89
C LYS B 116 -1.92 -12.88 38.14
N ASP B 117 -1.73 -11.80 38.89
CA ASP B 117 -1.62 -10.44 38.34
C ASP B 117 -0.42 -10.36 37.39
N VAL B 118 -0.68 -9.90 36.16
CA VAL B 118 0.37 -9.79 35.14
C VAL B 118 1.16 -8.49 35.24
N MET B 119 0.64 -7.53 36.00
CA MET B 119 1.20 -6.19 36.02
C MET B 119 2.63 -6.06 36.58
N PRO B 120 2.98 -6.79 37.65
CA PRO B 120 4.37 -6.79 38.13
C PRO B 120 5.38 -7.13 37.02
N GLU B 121 5.12 -8.19 36.26
CA GLU B 121 6.02 -8.59 35.17
C GLU B 121 6.02 -7.62 34.00
N VAL B 122 4.84 -7.08 33.68
CA VAL B 122 4.73 -6.02 32.66
C VAL B 122 5.65 -4.86 33.04
N ASN B 123 5.53 -4.42 34.29
CA ASN B 123 6.30 -3.27 34.79
C ASN B 123 7.77 -3.57 34.97
N ARG B 124 8.11 -4.81 35.31
CA ARG B 124 9.51 -5.21 35.44
C ARG B 124 10.23 -5.10 34.10
N VAL B 125 9.59 -5.60 33.04
CA VAL B 125 10.16 -5.51 31.70
C VAL B 125 10.22 -4.05 31.22
N LEU B 126 9.20 -3.26 31.53
CA LEU B 126 9.24 -1.84 31.20
C LEU B 126 10.42 -1.13 31.88
N ASP B 127 10.66 -1.47 33.15
CA ASP B 127 11.80 -0.93 33.89
C ASP B 127 13.13 -1.30 33.24
N LYS B 128 13.23 -2.56 32.81
CA LYS B 128 14.40 -3.06 32.09
C LYS B 128 14.62 -2.28 30.80
N MET B 129 13.54 -2.10 30.04
CA MET B 129 13.58 -1.29 28.82
C MET B 129 14.10 0.13 29.09
N LYS B 130 13.57 0.76 30.13
CA LYS B 130 13.98 2.11 30.54
C LYS B 130 15.48 2.19 30.84
N SER B 131 15.97 1.23 31.64
CA SER B 131 17.39 1.17 32.00
C SER B 131 18.27 1.02 30.76
N PHE B 132 17.89 0.09 29.89
CA PHE B 132 18.59 -0.14 28.63
C PHE B 132 18.59 1.11 27.75
N CYS B 133 17.47 1.82 27.72
CA CYS B 133 17.38 3.06 26.94
C CYS B 133 18.36 4.12 27.45
N GLN B 134 18.44 4.28 28.78
CA GLN B 134 19.43 5.18 29.38
C GLN B 134 20.85 4.79 28.99
N ARG B 135 21.19 3.51 29.13
CA ARG B 135 22.54 3.02 28.83
C ARG B 135 22.93 3.31 27.37
N VAL B 136 22.02 3.00 26.44
CA VAL B 136 22.32 3.16 25.03
C VAL B 136 22.32 4.63 24.59
N ARG B 137 21.28 5.37 24.97
CA ARG B 137 21.13 6.75 24.54
C ARG B 137 22.19 7.69 25.11
N SER B 138 22.64 7.41 26.33
CA SER B 138 23.65 8.23 27.00
C SER B 138 25.04 8.04 26.41
N GLY B 139 25.23 6.94 25.69
CA GLY B 139 26.54 6.56 25.19
C GLY B 139 27.29 5.65 26.13
N ASP B 140 26.72 5.37 27.30
CA ASP B 140 27.39 4.54 28.31
C ASP B 140 27.57 3.10 27.86
N TRP B 141 26.60 2.57 27.12
CA TRP B 141 26.70 1.24 26.52
C TRP B 141 27.68 1.31 25.35
N LYS B 142 28.79 0.59 25.48
CA LYS B 142 29.85 0.65 24.49
C LYS B 142 29.87 -0.56 23.58
N GLY B 143 30.26 -0.34 22.32
CA GLY B 143 30.51 -1.43 21.40
C GLY B 143 31.83 -2.12 21.72
N TYR B 144 32.17 -3.12 20.92
CA TYR B 144 33.35 -3.95 21.20
C TYR B 144 34.69 -3.19 21.15
N THR B 145 34.72 -2.04 20.48
CA THR B 145 35.92 -1.19 20.45
C THR B 145 35.82 0.01 21.40
N GLY B 146 34.76 0.03 22.21
CA GLY B 146 34.58 1.04 23.24
C GLY B 146 33.88 2.31 22.81
N LYS B 147 33.20 2.26 21.66
CA LYS B 147 32.52 3.43 21.11
C LYS B 147 31.03 3.39 21.40
N SER B 148 30.41 4.56 21.49
CA SER B 148 28.97 4.66 21.71
C SER B 148 28.20 4.15 20.50
N ILE B 149 27.01 3.63 20.76
CA ILE B 149 26.13 3.10 19.72
C ILE B 149 25.48 4.25 18.95
N THR B 150 25.53 4.20 17.63
CA THR B 150 24.94 5.26 16.80
C THR B 150 23.74 4.75 16.02
N ASP B 151 23.65 3.43 15.86
CA ASP B 151 22.66 2.82 15.00
C ASP B 151 22.04 1.62 15.68
N ILE B 152 20.71 1.55 15.64
CA ILE B 152 20.01 0.37 16.13
C ILE B 152 19.30 -0.30 14.98
N ILE B 153 19.43 -1.62 14.90
CA ILE B 153 18.80 -2.37 13.81
C ILE B 153 17.84 -3.41 14.35
N ASN B 154 16.56 -3.18 14.14
CA ASN B 154 15.55 -4.16 14.47
C ASN B 154 15.47 -5.21 13.38
N ILE B 155 15.58 -6.47 13.78
CA ILE B 155 15.42 -7.58 12.85
C ILE B 155 14.21 -8.39 13.29
N GLY B 156 13.20 -8.43 12.43
CA GLY B 156 11.93 -9.08 12.75
C GLY B 156 10.99 -8.92 11.57
N ILE B 157 9.88 -9.65 11.61
CA ILE B 157 8.93 -9.62 10.49
C ILE B 157 7.49 -9.59 11.02
N GLY B 158 6.58 -9.02 10.22
CA GLY B 158 5.17 -8.93 10.58
C GLY B 158 4.97 -8.19 11.90
N GLY B 159 4.38 -8.87 12.87
CA GLY B 159 4.16 -8.30 14.19
C GLY B 159 5.41 -7.80 14.90
N SER B 160 6.56 -8.36 14.55
CA SER B 160 7.82 -7.96 15.17
C SER B 160 8.57 -6.90 14.35
N ASP B 161 7.89 -6.34 13.35
CA ASP B 161 8.48 -5.35 12.46
C ASP B 161 7.61 -4.08 12.28
N LEU B 162 6.38 -4.26 11.81
CA LEU B 162 5.58 -3.15 11.30
C LEU B 162 5.20 -2.09 12.33
N GLY B 163 4.91 -2.53 13.55
CA GLY B 163 4.57 -1.61 14.63
C GLY B 163 5.71 -0.65 14.96
N PRO B 164 6.86 -1.18 15.38
CA PRO B 164 8.04 -0.35 15.62
C PRO B 164 8.44 0.51 14.41
N LEU B 165 8.35 -0.03 13.20
CA LEU B 165 8.64 0.75 11.99
C LEU B 165 7.66 1.91 11.81
N MET B 166 6.37 1.60 11.83
CA MET B 166 5.35 2.64 11.66
C MET B 166 5.45 3.75 12.71
N VAL B 167 5.65 3.35 13.97
CA VAL B 167 5.66 4.31 15.08
C VAL B 167 6.91 5.18 15.07
N THR B 168 8.08 4.59 14.81
CA THR B 168 9.29 5.41 14.73
C THR B 168 9.22 6.39 13.56
N GLU B 169 8.59 5.95 12.47
CA GLU B 169 8.35 6.84 11.33
C GLU B 169 7.43 8.00 11.71
N ALA B 170 6.33 7.67 12.39
CA ALA B 170 5.32 8.67 12.75
C ALA B 170 5.82 9.65 13.80
N LEU B 171 6.76 9.19 14.63
CA LEU B 171 7.25 9.99 15.76
C LEU B 171 8.67 10.49 15.54
N LYS B 172 9.09 10.54 14.28
CA LYS B 172 10.44 11.00 13.93
C LYS B 172 10.87 12.32 14.59
N PRO B 173 10.00 13.33 14.69
CA PRO B 173 10.39 14.60 15.32
C PRO B 173 10.75 14.47 16.80
N TYR B 174 10.40 13.34 17.42
CA TYR B 174 10.65 13.12 18.84
C TYR B 174 11.94 12.34 19.11
N SER B 175 12.78 12.22 18.09
CA SER B 175 13.95 11.34 18.14
C SER B 175 15.31 12.04 18.33
N LYS B 176 15.28 13.33 18.62
CA LYS B 176 16.52 14.06 18.90
C LYS B 176 17.24 13.42 20.10
N GLY B 177 18.53 13.17 19.95
CA GLY B 177 19.33 12.56 21.01
C GLY B 177 19.28 11.04 20.95
N GLY B 178 18.51 10.50 20.01
CA GLY B 178 18.38 9.07 19.86
C GLY B 178 19.22 8.53 18.72
N PRO B 179 19.57 7.25 18.80
CA PRO B 179 20.33 6.61 17.72
C PRO B 179 19.43 6.47 16.49
N ARG B 180 20.04 6.40 15.32
CA ARG B 180 19.32 6.07 14.09
C ARG B 180 18.74 4.68 14.23
N VAL B 181 17.56 4.48 13.66
CA VAL B 181 16.91 3.18 13.69
C VAL B 181 16.69 2.63 12.29
N TRP B 182 16.99 1.34 12.13
CA TRP B 182 16.84 0.64 10.86
C TRP B 182 15.98 -0.59 11.08
N PHE B 183 15.19 -0.96 10.08
CA PHE B 183 14.33 -2.13 10.19
C PHE B 183 14.61 -3.10 9.05
N VAL B 184 15.07 -4.29 9.43
CA VAL B 184 15.31 -5.38 8.49
C VAL B 184 14.25 -6.43 8.76
N SER B 185 13.57 -6.88 7.71
CA SER B 185 12.43 -7.78 7.88
C SER B 185 12.33 -8.85 6.81
N ASN B 186 12.43 -8.45 5.55
CA ASN B 186 12.32 -9.39 4.44
C ASN B 186 13.47 -10.39 4.48
N ILE B 187 13.19 -11.64 4.12
CA ILE B 187 14.26 -12.62 3.93
C ILE B 187 15.08 -12.28 2.68
N ASP B 188 14.44 -11.65 1.70
CA ASP B 188 15.16 -11.16 0.53
C ASP B 188 16.46 -10.50 0.98
N GLY B 189 17.59 -11.09 0.55
CA GLY B 189 18.92 -10.67 1.01
C GLY B 189 19.26 -9.22 0.74
N THR B 190 18.57 -8.64 -0.23
CA THR B 190 18.63 -7.20 -0.47
C THR B 190 18.43 -6.39 0.81
N HIS B 191 17.48 -6.81 1.64
CA HIS B 191 17.10 -6.00 2.81
C HIS B 191 18.25 -5.86 3.80
N ILE B 192 18.79 -6.98 4.27
CA ILE B 192 19.92 -6.91 5.20
C ILE B 192 21.20 -6.40 4.53
N ALA B 193 21.44 -6.81 3.28
CA ALA B 193 22.65 -6.40 2.57
C ALA B 193 22.79 -4.89 2.44
N LYS B 194 21.72 -4.23 1.97
CA LYS B 194 21.75 -2.79 1.80
C LYS B 194 21.76 -2.04 3.14
N THR B 195 21.21 -2.67 4.18
CA THR B 195 21.26 -2.10 5.53
C THR B 195 22.68 -2.15 6.08
N LEU B 196 23.30 -3.33 6.03
CA LEU B 196 24.64 -3.52 6.57
C LEU B 196 25.70 -2.70 5.85
N ALA B 197 25.47 -2.42 4.56
CA ALA B 197 26.44 -1.69 3.75
C ALA B 197 26.72 -0.29 4.29
N SER B 198 25.74 0.29 4.99
CA SER B 198 25.84 1.66 5.49
C SER B 198 26.12 1.71 7.00
N LEU B 199 26.60 0.60 7.56
CA LEU B 199 26.81 0.48 9.00
C LEU B 199 28.21 0.04 9.39
N SER B 200 28.64 0.45 10.58
CA SER B 200 29.87 -0.05 11.18
C SER B 200 29.54 -1.06 12.27
N PRO B 201 30.21 -2.22 12.29
CA PRO B 201 30.04 -3.20 13.36
C PRO B 201 30.40 -2.64 14.73
N GLU B 202 31.24 -1.60 14.75
CA GLU B 202 31.71 -1.01 16.01
C GLU B 202 30.62 -0.24 16.75
N THR B 203 29.62 0.24 16.03
CA THR B 203 28.66 1.19 16.59
C THR B 203 27.22 0.82 16.31
N SER B 204 27.01 -0.40 15.85
CA SER B 204 25.66 -0.88 15.53
C SER B 204 25.18 -1.91 16.56
N LEU B 205 23.96 -1.72 17.06
CA LEU B 205 23.34 -2.71 17.95
C LEU B 205 22.10 -3.30 17.29
N PHE B 206 22.06 -4.63 17.25
CA PHE B 206 20.96 -5.37 16.63
C PHE B 206 19.97 -5.83 17.69
N ILE B 207 18.69 -5.66 17.37
CA ILE B 207 17.59 -6.08 18.23
C ILE B 207 16.87 -7.20 17.48
N ILE B 208 16.97 -8.42 17.99
CA ILE B 208 16.33 -9.57 17.35
C ILE B 208 14.94 -9.72 17.94
N ALA B 209 13.93 -9.31 17.16
CA ALA B 209 12.55 -9.23 17.64
C ALA B 209 11.78 -10.44 17.15
N SER B 210 11.46 -11.35 18.06
CA SER B 210 10.73 -12.56 17.68
C SER B 210 10.06 -13.23 18.88
N LYS B 211 8.73 -13.25 18.88
CA LYS B 211 7.94 -13.93 19.91
C LYS B 211 8.41 -15.37 20.09
N THR B 212 8.40 -16.12 18.99
CA THR B 212 8.78 -17.54 18.99
C THR B 212 10.29 -17.73 19.02
N PHE B 213 11.01 -16.76 18.46
CA PHE B 213 12.44 -16.90 18.16
C PHE B 213 12.75 -18.10 17.26
N THR B 214 11.83 -18.43 16.36
CA THR B 214 12.03 -19.53 15.40
C THR B 214 11.66 -19.16 13.96
N THR B 215 11.02 -18.00 13.78
CA THR B 215 10.61 -17.54 12.45
C THR B 215 11.82 -17.55 11.53
N GLN B 216 11.69 -18.24 10.40
CA GLN B 216 12.82 -18.47 9.50
C GLN B 216 13.46 -17.18 8.99
N GLU B 217 12.63 -16.23 8.54
CA GLU B 217 13.16 -14.98 8.00
C GLU B 217 14.03 -14.27 9.04
N THR B 218 13.49 -14.14 10.25
CA THR B 218 14.14 -13.42 11.33
C THR B 218 15.42 -14.08 11.82
N ILE B 219 15.37 -15.39 12.05
CA ILE B 219 16.55 -16.10 12.52
C ILE B 219 17.65 -16.12 11.46
N THR B 220 17.27 -16.33 10.20
CA THR B 220 18.24 -16.26 9.10
C THR B 220 18.88 -14.87 9.01
N ASN B 221 18.06 -13.83 9.02
CA ASN B 221 18.57 -12.45 9.03
C ASN B 221 19.50 -12.21 10.21
N ALA B 222 19.09 -12.68 11.40
CA ALA B 222 19.89 -12.55 12.60
C ALA B 222 21.25 -13.24 12.48
N GLU B 223 21.25 -14.46 11.95
CA GLU B 223 22.48 -15.22 11.76
C GLU B 223 23.41 -14.54 10.75
N THR B 224 22.81 -13.96 9.71
CA THR B 224 23.56 -13.17 8.74
C THR B 224 24.19 -11.93 9.37
N ALA B 225 23.42 -11.23 10.21
CA ALA B 225 23.94 -10.08 10.96
C ALA B 225 25.10 -10.49 11.86
N LYS B 226 24.95 -11.61 12.56
CA LYS B 226 25.99 -12.10 13.47
C LYS B 226 27.28 -12.48 12.72
N GLU B 227 27.13 -13.12 11.57
CA GLU B 227 28.27 -13.49 10.73
C GLU B 227 29.05 -12.25 10.26
N TRP B 228 28.30 -11.24 9.81
CA TRP B 228 28.85 -9.95 9.40
C TRP B 228 29.57 -9.30 10.58
N PHE B 229 28.94 -9.33 11.74
CA PHE B 229 29.53 -8.75 12.95
C PHE B 229 30.84 -9.45 13.37
N LEU B 230 30.81 -10.78 13.40
CA LEU B 230 31.96 -11.56 13.86
C LEU B 230 33.14 -11.52 12.88
N GLU B 231 32.85 -11.23 11.61
CA GLU B 231 33.91 -11.00 10.62
C GLU B 231 34.83 -9.86 11.05
N ALA B 232 34.24 -8.83 11.65
CA ALA B 232 34.97 -7.66 12.14
C ALA B 232 35.49 -7.84 13.57
N ALA B 233 34.63 -8.37 14.44
CA ALA B 233 34.96 -8.45 15.87
C ALA B 233 35.88 -9.62 16.20
N LYS B 234 35.75 -10.71 15.44
CA LYS B 234 36.58 -11.92 15.58
C LYS B 234 36.68 -12.41 17.03
N ASP B 235 35.58 -12.26 17.76
CA ASP B 235 35.51 -12.57 19.19
C ASP B 235 34.04 -12.84 19.56
N PRO B 236 33.68 -14.11 19.74
CA PRO B 236 32.29 -14.49 20.05
C PRO B 236 31.72 -13.85 21.31
N SER B 237 32.57 -13.46 22.24
CA SER B 237 32.14 -12.81 23.47
C SER B 237 31.65 -11.37 23.25
N ALA B 238 32.03 -10.77 22.13
CA ALA B 238 31.62 -9.40 21.78
C ALA B 238 30.16 -9.31 21.33
N VAL B 239 29.59 -10.47 20.97
CA VAL B 239 28.18 -10.55 20.53
C VAL B 239 27.23 -9.97 21.58
N ALA B 240 27.52 -10.21 22.85
CA ALA B 240 26.70 -9.71 23.96
C ALA B 240 26.60 -8.19 24.01
N LYS B 241 27.54 -7.50 23.37
CA LYS B 241 27.56 -6.05 23.33
C LYS B 241 26.76 -5.47 22.17
N HIS B 242 26.38 -6.33 21.21
CA HIS B 242 25.79 -5.86 19.96
C HIS B 242 24.50 -6.55 19.56
N PHE B 243 24.06 -7.52 20.36
CA PHE B 243 22.85 -8.27 20.06
C PHE B 243 22.00 -8.40 21.31
N VAL B 244 20.73 -7.99 21.21
CA VAL B 244 19.74 -8.21 22.26
C VAL B 244 18.51 -8.88 21.63
N ALA B 245 17.64 -9.44 22.47
CA ALA B 245 16.50 -10.21 21.99
C ALA B 245 15.20 -9.75 22.64
N LEU B 246 14.14 -9.69 21.84
CA LEU B 246 12.79 -9.46 22.35
C LEU B 246 12.00 -10.73 22.05
N SER B 247 11.65 -11.47 23.09
CA SER B 247 11.08 -12.80 22.87
C SER B 247 10.27 -13.34 24.05
N THR B 248 9.56 -14.44 23.81
CA THR B 248 8.94 -15.23 24.88
C THR B 248 9.71 -16.54 25.09
N ASN B 249 10.66 -16.83 24.19
CA ASN B 249 11.36 -18.11 24.15
C ASN B 249 12.79 -18.04 24.68
N THR B 250 12.92 -18.08 26.01
CA THR B 250 14.24 -18.02 26.68
C THR B 250 15.25 -19.03 26.14
N ALA B 251 14.78 -20.26 25.90
CA ALA B 251 15.64 -21.35 25.43
C ALA B 251 16.24 -21.09 24.05
N LYS B 252 15.40 -20.69 23.10
CA LYS B 252 15.87 -20.44 21.75
C LYS B 252 16.73 -19.17 21.65
N VAL B 253 16.47 -18.21 22.53
CA VAL B 253 17.31 -17.02 22.66
C VAL B 253 18.72 -17.41 23.12
N LYS B 254 18.79 -18.35 24.06
CA LYS B 254 20.07 -18.85 24.55
C LYS B 254 20.82 -19.66 23.49
N GLU B 255 20.09 -20.55 22.79
CA GLU B 255 20.67 -21.35 21.71
C GLU B 255 21.30 -20.49 20.61
N PHE B 256 20.65 -19.37 20.28
CA PHE B 256 21.21 -18.41 19.32
C PHE B 256 22.49 -17.76 19.84
N GLY B 257 22.64 -17.70 21.16
CA GLY B 257 23.86 -17.21 21.77
C GLY B 257 23.79 -15.80 22.32
N ILE B 258 22.60 -15.39 22.76
CA ILE B 258 22.42 -14.07 23.39
C ILE B 258 22.38 -14.16 24.91
N ASP B 259 23.07 -13.23 25.57
CA ASP B 259 23.08 -13.08 27.02
C ASP B 259 21.66 -13.08 27.61
N PRO B 260 21.43 -13.87 28.66
CA PRO B 260 20.11 -13.92 29.30
C PRO B 260 19.65 -12.56 29.83
N GLN B 261 20.59 -11.73 30.29
CA GLN B 261 20.28 -10.37 30.75
C GLN B 261 19.96 -9.43 29.59
N ASN B 262 20.22 -9.89 28.37
CA ASN B 262 19.96 -9.11 27.15
C ASN B 262 18.60 -9.47 26.52
N MET B 263 17.78 -10.21 27.28
CA MET B 263 16.47 -10.63 26.78
C MET B 263 15.33 -9.85 27.42
N PHE B 264 14.54 -9.20 26.58
CA PHE B 264 13.39 -8.41 27.03
C PHE B 264 12.14 -9.22 26.73
N GLU B 265 11.49 -9.67 27.80
CA GLU B 265 10.46 -10.69 27.69
C GLU B 265 9.09 -10.12 27.40
N PHE B 266 8.31 -10.86 26.63
CA PHE B 266 6.86 -10.69 26.62
C PHE B 266 6.14 -12.03 26.74
N TRP B 267 4.83 -12.04 26.53
CA TRP B 267 4.01 -13.18 26.96
C TRP B 267 3.06 -13.66 25.86
N ASP B 268 2.56 -14.88 25.97
CA ASP B 268 1.78 -15.48 24.89
C ASP B 268 0.49 -14.71 24.58
N TRP B 269 0.00 -13.97 25.57
CA TRP B 269 -1.22 -13.17 25.42
C TRP B 269 -0.97 -11.80 24.76
N VAL B 270 0.26 -11.58 24.32
CA VAL B 270 0.59 -10.47 23.44
C VAL B 270 0.65 -10.97 22.00
N GLY B 271 -0.40 -10.69 21.23
CA GLY B 271 -0.40 -11.06 19.83
C GLY B 271 0.63 -10.22 19.08
N GLY B 272 1.26 -10.80 18.06
CA GLY B 272 2.32 -10.13 17.33
C GLY B 272 1.86 -8.79 16.76
N ARG B 273 0.69 -8.79 16.12
CA ARG B 273 0.15 -7.58 15.54
C ARG B 273 -0.45 -6.62 16.58
N TYR B 274 -0.31 -6.98 17.87
CA TYR B 274 -0.69 -6.12 18.99
C TYR B 274 0.47 -5.94 19.97
N SER B 275 1.71 -6.07 19.48
CA SER B 275 2.87 -6.21 20.35
C SER B 275 3.78 -4.99 20.54
N LEU B 276 3.53 -3.90 19.80
CA LEU B 276 4.45 -2.75 19.85
C LEU B 276 4.49 -2.10 21.25
N TRP B 277 3.45 -2.37 22.03
CA TRP B 277 3.30 -1.87 23.40
C TRP B 277 4.16 -2.61 24.41
N SER B 278 4.67 -3.77 24.00
CA SER B 278 5.47 -4.64 24.87
C SER B 278 6.96 -4.35 24.65
N ALA B 279 7.80 -5.30 25.11
CA ALA B 279 9.23 -5.35 24.76
C ALA B 279 9.52 -5.10 23.27
N ILE B 280 8.60 -5.54 22.41
CA ILE B 280 8.72 -5.36 20.96
C ILE B 280 8.91 -3.89 20.58
N GLY B 281 8.39 -2.99 21.40
CA GLY B 281 8.57 -1.57 21.19
C GLY B 281 9.91 -1.01 21.64
N LEU B 282 10.89 -1.87 21.93
CA LEU B 282 12.18 -1.37 22.42
C LEU B 282 12.82 -0.38 21.44
N SER B 283 12.79 -0.70 20.15
CA SER B 283 13.37 0.21 19.16
C SER B 283 12.67 1.58 19.16
N ILE B 284 11.36 1.60 19.47
CA ILE B 284 10.64 2.87 19.61
C ILE B 284 11.21 3.66 20.78
N ALA B 285 11.28 3.01 21.94
CA ALA B 285 11.81 3.64 23.16
C ALA B 285 13.24 4.13 23.01
N LEU B 286 14.07 3.35 22.31
CA LEU B 286 15.45 3.76 22.06
C LEU B 286 15.49 5.02 21.18
N HIS B 287 14.64 5.05 20.17
CA HIS B 287 14.68 6.09 19.17
C HIS B 287 14.14 7.42 19.70
N VAL B 288 12.98 7.37 20.37
CA VAL B 288 12.34 8.59 20.85
C VAL B 288 12.46 8.84 22.36
N GLY B 289 13.10 7.90 23.06
CA GLY B 289 13.25 8.02 24.51
C GLY B 289 12.13 7.33 25.26
N PHE B 290 12.44 6.82 26.44
CA PHE B 290 11.45 6.08 27.22
C PHE B 290 10.28 6.93 27.67
N ASP B 291 10.53 8.21 27.95
CA ASP B 291 9.46 9.12 28.34
C ASP B 291 8.39 9.18 27.24
N HIS B 292 8.82 9.34 25.99
CA HIS B 292 7.89 9.38 24.87
C HIS B 292 7.20 8.03 24.64
N PHE B 293 7.92 6.94 24.88
CA PHE B 293 7.31 5.61 24.83
C PHE B 293 6.19 5.46 25.86
N GLU B 294 6.41 5.97 27.08
CA GLU B 294 5.39 5.95 28.12
C GLU B 294 4.17 6.79 27.74
N GLN B 295 4.42 7.90 27.04
CA GLN B 295 3.34 8.75 26.56
C GLN B 295 2.50 8.01 25.53
N LEU B 296 3.17 7.29 24.63
CA LEU B 296 2.51 6.42 23.66
C LEU B 296 1.62 5.38 24.35
N LEU B 297 2.15 4.74 25.39
CA LEU B 297 1.35 3.78 26.18
C LEU B 297 0.17 4.46 26.87
N SER B 298 0.40 5.66 27.39
CA SER B 298 -0.65 6.40 28.10
C SER B 298 -1.81 6.81 27.18
N GLY B 299 -1.50 7.13 25.93
CA GLY B 299 -2.52 7.45 24.95
C GLY B 299 -3.40 6.24 24.65
N ALA B 300 -2.75 5.10 24.47
CA ALA B 300 -3.48 3.84 24.32
C ALA B 300 -4.34 3.54 25.55
N HIS B 301 -3.79 3.76 26.75
CA HIS B 301 -4.53 3.55 27.99
C HIS B 301 -5.78 4.44 28.05
N TRP B 302 -5.64 5.69 27.63
CA TRP B 302 -6.79 6.59 27.59
C TRP B 302 -7.91 6.01 26.72
N MET B 303 -7.55 5.57 25.51
CA MET B 303 -8.51 4.99 24.58
C MET B 303 -9.09 3.67 25.09
N ASP B 304 -8.27 2.88 25.80
CA ASP B 304 -8.75 1.64 26.43
C ASP B 304 -9.85 1.96 27.41
N GLN B 305 -9.63 2.99 28.22
CA GLN B 305 -10.60 3.45 29.21
C GLN B 305 -11.84 4.03 28.55
N HIS B 306 -11.66 4.80 27.48
CA HIS B 306 -12.80 5.28 26.71
C HIS B 306 -13.65 4.09 26.20
N PHE B 307 -13.00 3.08 25.65
CA PHE B 307 -13.67 1.90 25.12
C PHE B 307 -14.40 1.15 26.22
N LEU B 308 -13.75 1.03 27.38
CA LEU B 308 -14.30 0.28 28.52
C LEU B 308 -15.50 0.95 29.19
N LYS B 309 -15.47 2.28 29.31
CA LYS B 309 -16.44 3.00 30.15
C LYS B 309 -17.61 3.65 29.41
N THR B 310 -17.46 3.86 28.11
CA THR B 310 -18.43 4.66 27.35
C THR B 310 -19.58 3.84 26.78
N PRO B 311 -20.82 4.31 27.01
CA PRO B 311 -22.00 3.69 26.38
C PRO B 311 -21.80 3.53 24.89
N LEU B 312 -22.23 2.40 24.33
CA LEU B 312 -21.88 2.02 22.97
C LEU B 312 -22.20 3.09 21.93
N GLU B 313 -23.32 3.80 22.14
CA GLU B 313 -23.81 4.78 21.18
C GLU B 313 -22.92 6.01 20.97
N LYS B 314 -21.99 6.24 21.90
CA LYS B 314 -21.01 7.33 21.78
C LYS B 314 -19.58 6.83 22.03
N ASN B 315 -19.35 5.56 21.74
CA ASN B 315 -18.07 4.89 21.98
C ASN B 315 -17.32 4.81 20.64
N ALA B 316 -16.22 5.55 20.51
CA ALA B 316 -15.56 5.77 19.22
C ALA B 316 -15.21 4.49 18.43
N PRO B 317 -14.42 3.56 19.00
CA PRO B 317 -14.11 2.33 18.28
C PRO B 317 -15.33 1.50 17.92
N VAL B 318 -16.35 1.51 18.78
CA VAL B 318 -17.60 0.82 18.50
C VAL B 318 -18.30 1.41 17.28
N LEU B 319 -18.41 2.73 17.24
CA LEU B 319 -19.08 3.38 16.12
C LEU B 319 -18.36 3.14 14.79
N LEU B 320 -17.02 3.20 14.82
CA LEU B 320 -16.24 2.92 13.61
C LEU B 320 -16.44 1.49 13.16
N ALA B 321 -16.47 0.58 14.13
CA ALA B 321 -16.74 -0.83 13.87
C ALA B 321 -18.10 -1.04 13.22
N LEU B 322 -19.11 -0.35 13.75
CA LEU B 322 -20.49 -0.51 13.31
C LEU B 322 -20.71 0.03 11.90
N LEU B 323 -20.08 1.15 11.58
CA LEU B 323 -20.11 1.69 10.23
C LEU B 323 -19.51 0.69 9.25
N GLY B 324 -18.42 0.05 9.64
CA GLY B 324 -17.79 -0.97 8.83
C GLY B 324 -18.71 -2.17 8.59
N ILE B 325 -19.41 -2.61 9.63
CA ILE B 325 -20.37 -3.72 9.51
C ILE B 325 -21.44 -3.36 8.48
N TRP B 326 -21.95 -2.13 8.60
CA TRP B 326 -22.95 -1.60 7.69
C TRP B 326 -22.44 -1.68 6.24
N TYR B 327 -21.22 -1.21 5.99
CA TYR B 327 -20.70 -1.20 4.61
C TYR B 327 -20.32 -2.59 4.10
N ILE B 328 -19.83 -3.43 5.01
CA ILE B 328 -19.37 -4.78 4.64
C ILE B 328 -20.56 -5.73 4.47
N ASN B 329 -21.38 -5.85 5.50
CA ASN B 329 -22.42 -6.88 5.52
C ASN B 329 -23.74 -6.46 4.88
N CYS B 330 -23.94 -5.16 4.72
CA CYS B 330 -25.16 -4.66 4.08
C CYS B 330 -24.91 -4.15 2.66
N TYR B 331 -23.91 -3.28 2.49
CA TYR B 331 -23.55 -2.79 1.14
C TYR B 331 -22.62 -3.72 0.34
N GLY B 332 -21.91 -4.61 1.03
CA GLY B 332 -21.02 -5.56 0.38
C GLY B 332 -19.69 -5.00 -0.09
N CYS B 333 -19.24 -3.92 0.53
CA CYS B 333 -17.97 -3.29 0.20
C CYS B 333 -16.80 -4.16 0.64
N GLU B 334 -15.93 -4.53 -0.31
CA GLU B 334 -14.79 -5.40 -0.02
C GLU B 334 -13.67 -4.70 0.73
N THR B 335 -13.55 -3.39 0.52
CA THR B 335 -12.36 -2.69 0.98
C THR B 335 -12.65 -1.54 1.95
N HIS B 336 -11.61 -1.15 2.66
CA HIS B 336 -11.64 -0.01 3.56
C HIS B 336 -10.33 0.76 3.36
N ALA B 337 -10.42 2.04 3.02
CA ALA B 337 -9.23 2.84 2.74
C ALA B 337 -8.86 3.71 3.92
N LEU B 338 -7.56 3.71 4.26
CA LEU B 338 -7.02 4.55 5.30
C LEU B 338 -6.13 5.59 4.65
N LEU B 339 -6.53 6.86 4.76
CA LEU B 339 -5.88 7.95 4.02
C LEU B 339 -5.41 9.08 4.96
N PRO B 340 -4.25 8.89 5.58
CA PRO B 340 -3.70 9.91 6.48
C PRO B 340 -3.06 11.06 5.70
N TYR B 341 -3.51 12.29 5.98
CA TYR B 341 -2.93 13.46 5.34
C TYR B 341 -1.72 13.90 6.14
N ASP B 342 -0.71 13.02 6.15
CA ASP B 342 0.45 13.16 7.01
C ASP B 342 1.55 12.21 6.54
N GLN B 343 2.66 12.79 6.11
CA GLN B 343 3.83 12.04 5.62
C GLN B 343 4.43 11.14 6.71
N TYR B 344 4.51 11.65 7.94
CA TYR B 344 5.01 10.84 9.06
C TYR B 344 4.18 9.58 9.26
N MET B 345 2.90 9.65 8.94
CA MET B 345 1.99 8.50 9.03
C MET B 345 2.02 7.59 7.79
N HIS B 346 3.09 7.66 7.01
CA HIS B 346 3.11 6.98 5.71
C HIS B 346 3.03 5.45 5.77
N ARG B 347 3.28 4.88 6.95
CA ARG B 347 3.17 3.42 7.13
C ARG B 347 1.98 2.99 7.99
N PHE B 348 1.12 3.95 8.33
CA PHE B 348 -0.08 3.71 9.13
C PHE B 348 -1.06 2.77 8.42
N ALA B 349 -1.34 3.02 7.15
CA ALA B 349 -2.23 2.14 6.39
C ALA B 349 -1.66 0.71 6.32
N ALA B 350 -0.35 0.59 6.07
CA ALA B 350 0.28 -0.73 5.99
C ALA B 350 0.22 -1.45 7.33
N TYR B 351 0.36 -0.71 8.42
CA TYR B 351 0.25 -1.30 9.75
C TYR B 351 -1.14 -1.89 10.01
N PHE B 352 -2.19 -1.15 9.68
CA PHE B 352 -3.55 -1.65 9.93
C PHE B 352 -4.05 -2.59 8.87
N GLN B 353 -3.37 -2.60 7.74
CA GLN B 353 -3.56 -3.65 6.76
C GLN B 353 -3.25 -4.98 7.43
N GLN B 354 -2.15 -5.07 8.19
CA GLN B 354 -1.90 -6.24 9.03
C GLN B 354 -2.88 -6.36 10.21
N GLY B 355 -3.00 -5.29 11.01
CA GLY B 355 -3.79 -5.33 12.22
C GLY B 355 -5.23 -5.76 11.98
N ASP B 356 -5.80 -5.25 10.90
CA ASP B 356 -7.17 -5.57 10.50
C ASP B 356 -7.23 -6.93 9.79
N MET B 357 -6.51 -7.06 8.68
CA MET B 357 -6.69 -8.21 7.81
C MET B 357 -6.25 -9.53 8.43
N GLU B 358 -5.14 -9.52 9.16
CA GLU B 358 -4.68 -10.74 9.83
C GLU B 358 -5.59 -11.12 11.00
N SER B 359 -6.21 -10.12 11.62
CA SER B 359 -7.17 -10.37 12.70
C SER B 359 -8.48 -10.93 12.17
N ASN B 360 -9.08 -10.24 11.20
CA ASN B 360 -10.47 -10.53 10.85
C ASN B 360 -10.68 -11.18 9.49
N GLY B 361 -9.57 -11.54 8.83
CA GLY B 361 -9.61 -12.32 7.61
C GLY B 361 -9.81 -13.78 7.97
N LYS B 362 -11.01 -14.09 8.45
CA LYS B 362 -11.34 -15.39 9.03
C LYS B 362 -12.65 -15.90 8.45
N TYR B 363 -12.89 -17.21 8.55
CA TYR B 363 -14.13 -17.75 8.01
C TYR B 363 -14.81 -18.82 8.87
N ILE B 364 -14.22 -19.10 10.03
CA ILE B 364 -14.77 -20.07 10.97
C ILE B 364 -15.16 -19.35 12.26
N THR B 365 -16.40 -19.60 12.71
CA THR B 365 -16.92 -18.99 13.92
C THR B 365 -16.59 -19.80 15.17
N LYS B 366 -16.89 -19.21 16.33
CA LYS B 366 -16.66 -19.82 17.64
C LYS B 366 -17.25 -21.22 17.79
N SER B 367 -18.41 -21.46 17.15
CA SER B 367 -19.07 -22.76 17.21
C SER B 367 -18.40 -23.79 16.29
N GLY B 368 -17.53 -23.31 15.40
CA GLY B 368 -16.89 -24.16 14.42
C GLY B 368 -17.60 -24.12 13.07
N ALA B 369 -18.75 -23.45 13.02
CA ALA B 369 -19.49 -23.31 11.77
C ALA B 369 -18.83 -22.31 10.84
N ARG B 370 -18.92 -22.57 9.54
CA ARG B 370 -18.42 -21.64 8.53
C ARG B 370 -19.33 -20.42 8.47
N VAL B 371 -18.74 -19.24 8.32
CA VAL B 371 -19.52 -18.03 8.12
C VAL B 371 -20.30 -18.13 6.80
N ASP B 372 -21.50 -17.56 6.78
CA ASP B 372 -22.26 -17.41 5.54
C ASP B 372 -22.47 -15.92 5.27
N HIS B 373 -21.42 -15.15 5.59
CA HIS B 373 -21.43 -13.70 5.43
C HIS B 373 -19.99 -13.26 5.33
N GLN B 374 -19.79 -12.02 4.89
CA GLN B 374 -18.47 -11.44 4.79
C GLN B 374 -17.88 -11.17 6.16
N THR B 375 -16.55 -11.28 6.25
CA THR B 375 -15.81 -10.82 7.43
C THR B 375 -14.90 -9.66 7.02
N GLY B 376 -13.67 -9.65 7.50
CA GLY B 376 -12.78 -8.50 7.37
C GLY B 376 -12.58 -7.99 5.95
N PRO B 377 -12.46 -6.67 5.81
CA PRO B 377 -12.23 -6.05 4.50
C PRO B 377 -10.75 -6.04 4.12
N ILE B 378 -10.48 -5.79 2.84
CA ILE B 378 -9.13 -5.52 2.38
C ILE B 378 -8.85 -4.06 2.72
N VAL B 379 -7.81 -3.83 3.52
CA VAL B 379 -7.41 -2.50 3.98
C VAL B 379 -6.26 -2.00 3.13
N TRP B 380 -6.31 -0.73 2.72
CA TRP B 380 -5.31 -0.18 1.82
C TRP B 380 -5.28 1.34 1.95
N GLY B 381 -4.26 1.97 1.36
CA GLY B 381 -4.21 3.42 1.30
C GLY B 381 -2.81 3.99 1.15
N GLU B 382 -2.75 5.28 0.83
CA GLU B 382 -1.51 6.06 0.81
C GLU B 382 -1.85 7.44 1.36
N PRO B 383 -0.85 8.16 1.88
CA PRO B 383 -1.09 9.51 2.41
C PRO B 383 -1.65 10.50 1.39
N GLY B 384 -2.51 11.40 1.87
CA GLY B 384 -2.91 12.59 1.12
C GLY B 384 -1.79 13.62 1.25
N THR B 385 -1.60 14.49 0.24
CA THR B 385 -2.51 14.63 -0.91
C THR B 385 -2.23 13.71 -2.09
N ASN B 386 -1.15 12.93 -2.03
CA ASN B 386 -0.70 12.14 -3.18
C ASN B 386 -1.79 11.29 -3.83
N GLY B 387 -2.61 10.63 -3.02
CA GLY B 387 -3.71 9.82 -3.52
C GLY B 387 -4.64 10.55 -4.46
N GLN B 388 -4.84 11.84 -4.22
CA GLN B 388 -5.72 12.66 -5.04
C GLN B 388 -5.31 12.66 -6.51
N HIS B 389 -4.04 12.38 -6.77
CA HIS B 389 -3.50 12.38 -8.12
C HIS B 389 -3.38 10.96 -8.70
N ALA B 390 -3.76 9.94 -7.92
CA ALA B 390 -3.28 8.57 -8.16
C ALA B 390 -4.33 7.46 -8.22
N PHE B 391 -5.19 7.38 -7.20
CA PHE B 391 -6.29 6.42 -7.17
C PHE B 391 -7.63 7.07 -6.78
N TYR B 392 -7.61 8.34 -6.36
CA TYR B 392 -8.87 9.00 -6.05
C TYR B 392 -9.76 9.13 -7.30
N GLN B 393 -9.16 9.06 -8.48
CA GLN B 393 -9.94 9.01 -9.72
C GLN B 393 -10.97 7.90 -9.63
N LEU B 394 -10.52 6.71 -9.20
CA LEU B 394 -11.43 5.57 -9.06
C LEU B 394 -12.44 5.78 -7.93
N ILE B 395 -11.99 6.34 -6.81
CA ILE B 395 -12.91 6.61 -5.69
C ILE B 395 -14.02 7.56 -6.13
N HIS B 396 -13.67 8.59 -6.89
CA HIS B 396 -14.64 9.58 -7.37
C HIS B 396 -15.52 9.10 -8.52
N GLN B 397 -14.95 8.34 -9.45
CA GLN B 397 -15.61 8.08 -10.74
C GLN B 397 -15.56 6.62 -11.21
N GLY B 398 -15.22 5.71 -10.30
CA GLY B 398 -15.23 4.29 -10.62
C GLY B 398 -16.55 3.63 -10.25
N THR B 399 -16.54 2.29 -10.21
CA THR B 399 -17.76 1.51 -10.01
C THR B 399 -17.76 0.78 -8.67
N LYS B 400 -16.86 1.18 -7.77
CA LYS B 400 -16.75 0.57 -6.44
C LYS B 400 -17.21 1.55 -5.37
N MET B 401 -17.87 1.02 -4.34
CA MET B 401 -18.11 1.78 -3.11
C MET B 401 -16.96 1.49 -2.14
N ILE B 402 -16.30 2.55 -1.70
CA ILE B 402 -15.08 2.43 -0.90
C ILE B 402 -15.16 3.35 0.33
N PRO B 403 -15.55 2.81 1.48
CA PRO B 403 -15.49 3.60 2.73
C PRO B 403 -14.04 4.06 2.95
N CYS B 404 -13.86 5.35 3.23
CA CYS B 404 -12.54 5.92 3.48
C CYS B 404 -12.49 6.61 4.84
N ASP B 405 -11.40 6.40 5.58
CA ASP B 405 -11.10 7.19 6.77
C ASP B 405 -10.02 8.19 6.38
N PHE B 406 -10.35 9.48 6.46
CA PHE B 406 -9.39 10.56 6.25
C PHE B 406 -8.90 11.00 7.62
N LEU B 407 -7.57 11.04 7.79
CA LEU B 407 -6.98 11.40 9.08
C LEU B 407 -6.01 12.57 8.95
N ILE B 408 -5.99 13.48 9.93
CA ILE B 408 -5.05 14.61 9.90
C ILE B 408 -4.83 15.25 11.27
N PRO B 409 -3.61 15.67 11.58
CA PRO B 409 -3.37 16.56 12.72
C PRO B 409 -3.64 18.03 12.38
N VAL B 410 -4.29 18.72 13.30
CA VAL B 410 -4.54 20.16 13.16
C VAL B 410 -3.21 20.92 13.10
N GLN B 411 -2.30 20.56 14.01
CA GLN B 411 -0.98 21.19 14.09
C GLN B 411 0.07 20.32 13.42
N THR B 412 0.88 20.94 12.56
CA THR B 412 1.97 20.24 11.90
C THR B 412 3.27 20.32 12.70
N GLN B 413 4.11 19.31 12.53
CA GLN B 413 5.42 19.28 13.17
C GLN B 413 6.40 20.23 12.47
N HIS B 414 6.01 20.69 11.28
CA HIS B 414 6.87 21.54 10.45
C HIS B 414 6.08 22.70 9.84
N PRO B 415 5.76 23.70 10.64
CA PRO B 415 4.96 24.84 10.16
C PRO B 415 5.76 25.80 9.28
N ILE B 416 6.37 25.28 8.22
CA ILE B 416 7.18 26.09 7.30
C ILE B 416 6.36 27.12 6.53
N ARG B 417 7.04 28.17 6.06
CA ARG B 417 6.40 29.29 5.34
C ARG B 417 5.15 29.81 6.08
N LYS B 418 5.30 30.03 7.39
CA LYS B 418 4.23 30.56 8.24
C LYS B 418 2.93 29.75 8.13
N GLY B 419 3.09 28.43 8.00
CA GLY B 419 1.95 27.53 7.95
C GLY B 419 1.29 27.33 6.60
N LEU B 420 1.91 27.85 5.53
CA LEU B 420 1.32 27.78 4.20
C LEU B 420 1.06 26.35 3.73
N HIS B 421 2.06 25.49 3.88
CA HIS B 421 1.93 24.10 3.42
C HIS B 421 0.80 23.41 4.15
N HIS B 422 0.70 23.64 5.47
CA HIS B 422 -0.32 22.96 6.26
C HIS B 422 -1.72 23.51 6.00
N LYS B 423 -1.81 24.81 5.74
CA LYS B 423 -3.07 25.39 5.30
C LYS B 423 -3.59 24.68 4.04
N ILE B 424 -2.72 24.49 3.07
CA ILE B 424 -3.09 23.83 1.82
C ILE B 424 -3.45 22.36 2.08
N LEU B 425 -2.67 21.70 2.92
CA LEU B 425 -2.92 20.31 3.28
C LEU B 425 -4.30 20.14 3.92
N LEU B 426 -4.60 20.99 4.90
CA LEU B 426 -5.92 20.99 5.55
C LEU B 426 -7.05 21.27 4.55
N ALA B 427 -6.85 22.25 3.67
CA ALA B 427 -7.87 22.61 2.68
C ALA B 427 -8.23 21.42 1.77
N ASN B 428 -7.21 20.68 1.33
CA ASN B 428 -7.39 19.48 0.52
C ASN B 428 -8.13 18.38 1.29
N PHE B 429 -7.69 18.15 2.52
CA PHE B 429 -8.32 17.19 3.42
C PHE B 429 -9.82 17.44 3.50
N LEU B 430 -10.20 18.69 3.74
CA LEU B 430 -11.60 19.07 3.88
C LEU B 430 -12.36 19.00 2.56
N ALA B 431 -11.75 19.53 1.49
CA ALA B 431 -12.40 19.60 0.19
C ALA B 431 -12.67 18.22 -0.39
N GLN B 432 -11.77 17.28 -0.13
CA GLN B 432 -11.92 15.95 -0.74
C GLN B 432 -13.12 15.19 -0.20
N THR B 433 -13.34 15.20 1.12
CA THR B 433 -14.52 14.52 1.66
C THR B 433 -15.79 15.25 1.27
N GLU B 434 -15.73 16.57 1.22
CA GLU B 434 -16.86 17.38 0.77
C GLU B 434 -17.25 17.02 -0.67
N ALA B 435 -16.25 16.90 -1.53
CA ALA B 435 -16.47 16.55 -2.93
C ALA B 435 -16.97 15.12 -3.08
N LEU B 436 -16.40 14.21 -2.28
CA LEU B 436 -16.85 12.82 -2.31
C LEU B 436 -18.33 12.72 -1.95
N MET B 437 -18.76 13.55 -0.99
CA MET B 437 -20.18 13.60 -0.63
C MET B 437 -21.04 14.26 -1.71
N LYS B 438 -20.66 15.47 -2.13
CA LYS B 438 -21.50 16.31 -2.99
C LYS B 438 -21.48 15.92 -4.45
N GLY B 439 -20.32 15.50 -4.94
CA GLY B 439 -20.11 15.31 -6.37
C GLY B 439 -20.24 16.63 -7.10
N LYS B 440 -20.58 16.55 -8.39
CA LYS B 440 -20.80 17.73 -9.21
C LYS B 440 -22.00 17.46 -10.11
N LEU B 441 -22.97 18.36 -10.07
CA LEU B 441 -24.22 18.15 -10.78
C LEU B 441 -24.07 18.54 -12.25
N PRO B 442 -24.88 17.94 -13.13
CA PRO B 442 -24.88 18.31 -14.56
C PRO B 442 -24.97 19.81 -14.78
N GLU B 443 -25.86 20.50 -14.06
CA GLU B 443 -26.03 21.94 -14.22
C GLU B 443 -24.76 22.71 -13.85
N GLU B 444 -24.02 22.19 -12.88
CA GLU B 444 -22.75 22.80 -12.48
C GLU B 444 -21.67 22.60 -13.54
N ALA B 445 -21.50 21.36 -14.01
CA ALA B 445 -20.51 21.05 -15.03
C ALA B 445 -20.83 21.73 -16.37
N ARG B 446 -22.11 21.80 -16.72
CA ARG B 446 -22.55 22.43 -17.97
C ARG B 446 -22.06 23.88 -18.06
N LYS B 447 -22.31 24.65 -16.99
CA LYS B 447 -21.90 26.05 -16.95
C LYS B 447 -20.39 26.20 -17.07
N GLU B 448 -19.65 25.27 -16.47
CA GLU B 448 -18.19 25.27 -16.57
C GLU B 448 -17.73 25.03 -18.01
N LEU B 449 -18.35 24.06 -18.68
CA LEU B 449 -18.05 23.76 -20.08
C LEU B 449 -18.38 24.94 -21.00
N GLN B 450 -19.49 25.62 -20.72
CA GLN B 450 -19.91 26.81 -21.48
C GLN B 450 -18.90 27.93 -21.32
N ALA B 451 -18.44 28.15 -20.10
CA ALA B 451 -17.47 29.20 -19.79
C ALA B 451 -16.08 28.93 -20.38
N ALA B 452 -15.77 27.66 -20.63
CA ALA B 452 -14.50 27.27 -21.22
C ALA B 452 -14.50 27.40 -22.76
N GLY B 453 -15.62 27.83 -23.31
CA GLY B 453 -15.75 28.06 -24.74
C GLY B 453 -15.94 26.79 -25.56
N LYS B 454 -16.50 25.76 -24.94
CA LYS B 454 -16.76 24.51 -25.66
C LYS B 454 -17.92 24.68 -26.61
N SER B 455 -17.78 24.14 -27.81
CA SER B 455 -18.86 24.12 -28.81
C SER B 455 -20.03 23.30 -28.27
N PRO B 456 -21.25 23.58 -28.75
CA PRO B 456 -22.43 22.80 -28.38
C PRO B 456 -22.23 21.28 -28.53
N GLU B 457 -21.54 20.87 -29.59
CA GLU B 457 -21.22 19.46 -29.81
C GLU B 457 -20.23 18.93 -28.76
N ASP B 458 -19.15 19.68 -28.53
CA ASP B 458 -18.13 19.28 -27.56
C ASP B 458 -18.68 19.23 -26.14
N LEU B 459 -19.50 20.22 -25.80
CA LEU B 459 -20.12 20.28 -24.48
C LEU B 459 -20.98 19.04 -24.25
N GLU B 460 -21.80 18.70 -25.24
CA GLU B 460 -22.70 17.56 -25.16
C GLU B 460 -21.95 16.27 -24.92
N LYS B 461 -20.83 16.10 -25.64
CA LYS B 461 -20.02 14.90 -25.52
C LYS B 461 -19.27 14.83 -24.20
N LEU B 462 -18.77 15.98 -23.74
CA LEU B 462 -17.95 16.04 -22.53
C LEU B 462 -18.76 15.97 -21.24
N LEU B 463 -19.99 16.48 -21.27
CA LEU B 463 -20.77 16.66 -20.04
C LEU B 463 -20.79 15.46 -19.06
N PRO B 464 -21.21 14.26 -19.50
CA PRO B 464 -21.29 13.11 -18.59
C PRO B 464 -19.94 12.75 -17.96
N HIS B 465 -18.84 13.01 -18.67
CA HIS B 465 -17.50 12.78 -18.15
C HIS B 465 -17.12 13.72 -17.02
N LYS B 466 -17.77 14.88 -16.96
CA LYS B 466 -17.44 15.93 -15.99
C LYS B 466 -18.35 15.90 -14.76
N VAL B 467 -19.38 15.05 -14.83
CA VAL B 467 -20.33 14.92 -13.74
C VAL B 467 -19.83 13.88 -12.75
N PHE B 468 -20.05 14.16 -11.47
CA PHE B 468 -19.69 13.23 -10.42
C PHE B 468 -20.89 12.94 -9.55
N GLU B 469 -21.20 11.66 -9.39
CA GLU B 469 -22.40 11.24 -8.68
C GLU B 469 -22.32 11.54 -7.18
N GLY B 470 -21.12 11.63 -6.64
CA GLY B 470 -20.95 11.85 -5.21
C GLY B 470 -21.55 10.70 -4.41
N ASN B 471 -22.11 11.04 -3.25
CA ASN B 471 -22.68 10.05 -2.32
C ASN B 471 -21.65 9.02 -1.83
N ARG B 472 -20.37 9.40 -1.84
CA ARG B 472 -19.29 8.54 -1.41
C ARG B 472 -18.97 8.84 0.04
N PRO B 473 -19.26 7.89 0.93
CA PRO B 473 -19.16 8.14 2.36
C PRO B 473 -17.74 8.11 2.90
N THR B 474 -17.47 8.97 3.89
CA THR B 474 -16.18 9.03 4.56
C THR B 474 -16.33 9.27 6.04
N ASN B 475 -15.28 8.88 6.77
CA ASN B 475 -15.03 9.36 8.11
C ASN B 475 -13.91 10.38 8.04
N SER B 476 -14.01 11.43 8.84
CA SER B 476 -12.91 12.37 9.03
C SER B 476 -12.48 12.28 10.49
N ILE B 477 -11.22 11.91 10.69
CA ILE B 477 -10.64 11.81 12.02
C ILE B 477 -9.55 12.87 12.15
N VAL B 478 -9.82 13.86 13.00
CA VAL B 478 -8.96 15.03 13.13
C VAL B 478 -8.51 15.15 14.59
N PHE B 479 -7.22 15.42 14.78
CA PHE B 479 -6.65 15.42 16.13
C PHE B 479 -5.70 16.60 16.29
N THR B 480 -5.57 17.10 17.51
CA THR B 480 -4.81 18.33 17.76
C THR B 480 -3.41 18.32 17.14
N LYS B 481 -2.68 17.24 17.38
CA LYS B 481 -1.30 17.10 16.91
C LYS B 481 -0.95 15.63 17.02
N LEU B 482 -0.07 15.15 16.14
CA LEU B 482 0.36 13.77 16.23
C LEU B 482 1.55 13.65 17.17
N THR B 483 1.24 13.63 18.47
CA THR B 483 2.21 13.42 19.54
C THR B 483 2.27 11.92 19.81
N PRO B 484 3.27 11.46 20.56
CA PRO B 484 3.28 10.06 21.02
C PRO B 484 1.96 9.65 21.67
N PHE B 485 1.42 10.50 22.55
CA PHE B 485 0.17 10.21 23.26
C PHE B 485 -0.99 10.05 22.28
N ILE B 486 -1.15 11.02 21.38
CA ILE B 486 -2.27 10.96 20.43
C ILE B 486 -2.14 9.78 19.47
N LEU B 487 -0.92 9.53 18.98
CA LEU B 487 -0.68 8.35 18.15
C LEU B 487 -1.11 7.06 18.85
N GLY B 488 -0.75 6.94 20.13
CA GLY B 488 -1.12 5.77 20.91
C GLY B 488 -2.61 5.58 21.02
N ALA B 489 -3.33 6.68 21.26
CA ALA B 489 -4.79 6.64 21.32
C ALA B 489 -5.38 6.19 19.98
N LEU B 490 -4.84 6.72 18.88
CA LEU B 490 -5.35 6.39 17.56
C LEU B 490 -5.15 4.91 17.20
N ILE B 491 -3.97 4.39 17.48
CA ILE B 491 -3.71 2.97 17.23
C ILE B 491 -4.67 2.11 18.06
N ALA B 492 -4.78 2.43 19.35
CA ALA B 492 -5.67 1.68 20.24
C ALA B 492 -7.12 1.75 19.78
N MET B 493 -7.53 2.90 19.26
CA MET B 493 -8.90 3.08 18.74
C MET B 493 -9.19 2.07 17.62
N TYR B 494 -8.26 1.94 16.67
CA TYR B 494 -8.44 0.98 15.59
C TYR B 494 -8.31 -0.46 16.08
N GLU B 495 -7.44 -0.71 17.06
CA GLU B 495 -7.35 -2.04 17.67
C GLU B 495 -8.73 -2.46 18.17
N HIS B 496 -9.41 -1.54 18.87
CA HIS B 496 -10.72 -1.87 19.43
C HIS B 496 -11.83 -1.91 18.41
N LYS B 497 -11.70 -1.13 17.33
CA LYS B 497 -12.61 -1.26 16.20
C LYS B 497 -12.56 -2.70 15.68
N ILE B 498 -11.35 -3.18 15.45
CA ILE B 498 -11.12 -4.52 14.91
C ILE B 498 -11.71 -5.58 15.84
N PHE B 499 -11.55 -5.37 17.14
CA PHE B 499 -12.07 -6.28 18.15
C PHE B 499 -13.58 -6.37 18.10
N VAL B 500 -14.24 -5.20 18.03
CA VAL B 500 -15.71 -5.17 17.98
C VAL B 500 -16.23 -5.90 16.75
N GLN B 501 -15.63 -5.63 15.59
CA GLN B 501 -16.07 -6.31 14.36
C GLN B 501 -15.90 -7.82 14.46
N GLY B 502 -14.77 -8.26 15.01
CA GLY B 502 -14.52 -9.68 15.21
C GLY B 502 -15.57 -10.34 16.07
N ILE B 503 -15.92 -9.69 17.19
CA ILE B 503 -16.96 -10.21 18.09
C ILE B 503 -18.29 -10.33 17.35
N MET B 504 -18.64 -9.30 16.58
CA MET B 504 -19.91 -9.29 15.86
C MET B 504 -20.00 -10.39 14.81
N TRP B 505 -18.86 -10.71 14.19
CA TRP B 505 -18.78 -11.78 13.20
C TRP B 505 -18.66 -13.17 13.83
N ASP B 506 -18.47 -13.20 15.15
CA ASP B 506 -18.27 -14.44 15.91
C ASP B 506 -16.99 -15.18 15.51
N ILE B 507 -15.98 -14.43 15.10
CA ILE B 507 -14.70 -15.01 14.71
C ILE B 507 -13.64 -14.73 15.78
N ASN B 508 -12.49 -15.39 15.65
CA ASN B 508 -11.37 -15.16 16.56
C ASN B 508 -10.41 -14.14 15.94
N SER B 509 -10.41 -12.92 16.47
CA SER B 509 -9.57 -11.85 15.94
C SER B 509 -8.10 -12.08 16.27
N PHE B 510 -7.80 -13.09 17.08
CA PHE B 510 -6.49 -13.14 17.74
C PHE B 510 -5.61 -14.35 17.43
N ASP B 511 -6.10 -15.26 16.61
CA ASP B 511 -5.26 -16.33 16.07
C ASP B 511 -4.87 -16.01 14.64
N GLN B 512 -4.09 -16.89 14.01
CA GLN B 512 -3.71 -16.71 12.60
C GLN B 512 -3.30 -18.03 11.97
N TRP B 513 -4.24 -18.97 11.92
CA TRP B 513 -3.98 -20.32 11.43
C TRP B 513 -3.69 -20.35 9.94
N GLY B 514 -4.07 -19.27 9.26
CA GLY B 514 -3.97 -19.19 7.81
C GLY B 514 -2.58 -19.02 7.25
N VAL B 515 -1.59 -18.82 8.11
CA VAL B 515 -0.20 -18.69 7.69
C VAL B 515 0.49 -20.06 7.61
N GLU B 516 -0.13 -21.07 8.21
CA GLU B 516 0.51 -22.37 8.40
C GLU B 516 0.80 -23.13 7.09
N LEU B 517 -0.18 -23.20 6.19
CA LEU B 517 -0.01 -23.96 4.95
C LEU B 517 1.18 -23.48 4.12
N GLY B 518 1.30 -22.16 3.95
CA GLY B 518 2.40 -21.59 3.20
C GLY B 518 3.76 -21.94 3.79
N LYS B 519 3.84 -21.93 5.12
CA LYS B 519 5.08 -22.27 5.82
C LYS B 519 5.47 -23.72 5.57
N GLN B 520 4.49 -24.62 5.62
CA GLN B 520 4.73 -26.05 5.44
C GLN B 520 5.25 -26.33 4.05
N LEU B 521 4.59 -25.75 3.06
CA LEU B 521 4.94 -26.00 1.66
C LEU B 521 6.29 -25.41 1.30
N ALA B 522 6.66 -24.28 1.93
CA ALA B 522 7.97 -23.67 1.69
C ALA B 522 9.12 -24.52 2.20
N LYS B 523 8.93 -25.10 3.39
CA LYS B 523 9.92 -26.01 3.98
C LYS B 523 10.19 -27.21 3.07
N LYS B 524 9.16 -27.67 2.37
CA LYS B 524 9.29 -28.78 1.44
C LYS B 524 10.07 -28.39 0.16
N ILE B 525 9.82 -27.18 -0.33
CA ILE B 525 10.44 -26.72 -1.58
C ILE B 525 11.90 -26.30 -1.41
N GLU B 526 12.22 -25.73 -0.26
CA GLU B 526 13.56 -25.20 0.00
C GLU B 526 14.73 -26.14 -0.42
N PRO B 527 14.77 -27.38 0.08
CA PRO B 527 15.86 -28.31 -0.27
C PRO B 527 15.83 -28.75 -1.74
N GLU B 528 14.65 -28.68 -2.36
CA GLU B 528 14.48 -29.12 -3.74
C GLU B 528 15.14 -28.17 -4.76
N LEU B 529 15.34 -26.92 -4.36
CA LEU B 529 15.91 -25.92 -5.25
C LEU B 529 17.40 -26.13 -5.52
N GLU B 530 18.08 -26.74 -4.55
CA GLU B 530 19.50 -27.03 -4.67
C GLU B 530 19.81 -28.09 -5.72
N GLY B 531 20.85 -27.85 -6.50
CA GLY B 531 21.32 -28.80 -7.49
C GLY B 531 20.55 -28.75 -8.80
N SER B 532 21.00 -29.59 -9.73
CA SER B 532 20.55 -29.56 -11.12
C SER B 532 19.35 -30.46 -11.41
N SER B 533 19.02 -31.34 -10.47
CA SER B 533 18.02 -32.38 -10.74
C SER B 533 16.60 -31.82 -10.90
N ALA B 534 15.86 -32.39 -11.83
CA ALA B 534 14.48 -31.99 -12.10
C ALA B 534 13.57 -32.25 -10.90
N VAL B 535 12.70 -31.29 -10.61
CA VAL B 535 11.72 -31.45 -9.53
C VAL B 535 10.37 -31.79 -10.15
N THR B 536 9.79 -32.91 -9.71
CA THR B 536 8.54 -33.41 -10.28
C THR B 536 7.49 -33.69 -9.21
N SER B 537 7.79 -33.32 -7.97
CA SER B 537 6.99 -33.70 -6.81
C SER B 537 5.71 -32.89 -6.62
N HIS B 538 5.54 -31.82 -7.39
CA HIS B 538 4.39 -30.93 -7.23
C HIS B 538 3.47 -30.96 -8.44
N ASP B 539 2.49 -30.06 -8.46
CA ASP B 539 1.66 -29.82 -9.63
C ASP B 539 2.54 -29.29 -10.76
N SER B 540 2.05 -29.33 -11.99
CA SER B 540 2.87 -28.95 -13.14
C SER B 540 3.32 -27.48 -13.14
N SER B 541 2.51 -26.60 -12.56
CA SER B 541 2.88 -25.18 -12.42
C SER B 541 4.09 -24.99 -11.50
N THR B 542 3.98 -25.48 -10.26
CA THR B 542 5.09 -25.44 -9.33
C THR B 542 6.36 -26.08 -9.92
N ASN B 543 6.21 -27.27 -10.51
CA ASN B 543 7.34 -27.93 -11.17
C ASN B 543 7.92 -27.08 -12.29
N GLY B 544 7.03 -26.49 -13.09
CA GLY B 544 7.40 -25.67 -14.23
C GLY B 544 8.16 -24.42 -13.83
N LEU B 545 7.71 -23.78 -12.75
CA LEU B 545 8.37 -22.60 -12.24
C LEU B 545 9.76 -22.93 -11.68
N ILE B 546 9.85 -24.06 -10.98
CA ILE B 546 11.15 -24.53 -10.46
C ILE B 546 12.11 -24.83 -11.60
N SER B 547 11.61 -25.49 -12.65
CA SER B 547 12.42 -25.78 -13.84
C SER B 547 12.97 -24.49 -14.46
N PHE B 548 12.11 -23.48 -14.60
CA PHE B 548 12.50 -22.16 -15.10
C PHE B 548 13.61 -21.53 -14.24
N ILE B 549 13.46 -21.62 -12.92
CA ILE B 549 14.46 -21.11 -11.98
C ILE B 549 15.82 -21.80 -12.18
N LYS B 550 15.81 -23.12 -12.26
CA LYS B 550 17.05 -23.88 -12.42
C LYS B 550 17.72 -23.59 -13.76
N GLN B 551 16.92 -23.41 -14.80
CA GLN B 551 17.44 -23.11 -16.13
C GLN B 551 18.00 -21.69 -16.22
N GLN B 552 17.35 -20.75 -15.55
CA GLN B 552 17.67 -19.34 -15.72
C GLN B 552 18.70 -18.76 -14.74
N ARG B 553 18.99 -19.49 -13.67
CA ARG B 553 19.83 -18.96 -12.58
C ARG B 553 21.32 -18.84 -12.89
N ASP B 554 21.77 -19.45 -13.99
CA ASP B 554 23.18 -19.38 -14.37
C ASP B 554 23.45 -18.50 -15.60
N THR B 555 22.38 -18.08 -16.27
CA THR B 555 22.47 -17.19 -17.43
C THR B 555 23.16 -15.88 -17.09
N LYS B 556 24.12 -15.48 -17.92
CA LYS B 556 24.80 -14.21 -17.74
C LYS B 556 24.19 -13.13 -18.64
N LEU B 557 23.68 -12.07 -18.02
CA LEU B 557 23.08 -10.95 -18.74
C LEU B 557 24.01 -9.72 -18.73
C1 6PG C . -1.76 11.51 -14.31
C2 6PG C . -2.52 12.60 -13.59
C3 6PG C . -1.80 13.15 -12.34
C4 6PG C . -0.66 14.13 -12.63
C5 6PG C . -0.34 14.98 -11.40
C6 6PG C . 0.82 15.94 -11.64
O1A 6PG C . -1.28 11.72 -15.39
O1 6PG C . -1.63 10.32 -13.79
O2 6PG C . -2.78 13.61 -14.56
O3 6PG C . -1.32 12.12 -11.47
O4 6PG C . 0.48 13.39 -13.02
O5 6PG C . -1.47 15.77 -11.07
O6 6PG C . 0.47 16.81 -12.71
P 6PG C . 1.62 17.73 -13.35
O1P 6PG C . 2.24 18.65 -12.22
O2P 6PG C . 2.74 16.80 -13.96
O3P 6PG C . 0.90 18.60 -14.45
C1 GOL D . 28.10 24.08 -15.18
O1 GOL D . 29.25 23.77 -14.42
C2 GOL D . 26.99 24.62 -14.27
O2 GOL D . 27.52 25.50 -13.29
C3 GOL D . 25.96 25.34 -15.13
O3 GOL D . 26.41 26.62 -15.49
C1 GOL E . -1.84 27.46 9.05
O1 GOL E . -1.14 26.23 8.94
C2 GOL E . -3.02 27.30 10.00
O2 GOL E . -3.46 28.57 10.44
C3 GOL E . -4.18 26.60 9.29
O3 GOL E . -5.07 26.13 10.28
C1 GOL F . 20.40 -19.98 -4.50
O1 GOL F . 19.97 -18.64 -4.31
C2 GOL F . 19.92 -20.49 -5.86
O2 GOL F . 20.63 -21.65 -6.22
C3 GOL F . 18.44 -20.82 -5.79
O3 GOL F . 17.96 -20.95 -7.11
C1 6PG G . 1.00 -11.73 14.08
C2 6PG G . 1.47 -12.96 13.36
C3 6PG G . 2.79 -12.72 12.59
C4 6PG G . 4.04 -12.72 13.46
C5 6PG G . 5.33 -12.80 12.64
C6 6PG G . 6.55 -12.71 13.55
O1A 6PG G . 0.87 -11.72 15.30
O1 6PG G . 0.69 -10.63 13.41
O2 6PG G . 1.59 -14.04 14.29
O3 6PG G . 2.75 -11.53 11.82
O4 6PG G . 4.07 -11.51 14.22
O5 6PG G . 5.41 -14.02 11.90
O6 6PG G . 6.53 -13.80 14.46
P 6PG G . 7.65 -13.91 15.60
O1P 6PG G . 9.08 -14.00 14.92
O2P 6PG G . 7.58 -12.61 16.51
O3P 6PG G . 7.39 -15.22 16.45
C1 GOL H . 28.19 -3.33 26.56
O1 GOL H . 29.42 -2.67 26.44
C2 GOL H . 28.29 -4.30 27.73
O2 GOL H . 28.36 -3.55 28.93
C3 GOL H . 27.07 -5.21 27.76
O3 GOL H . 27.26 -6.22 28.74
#